data_3M6I
#
_entry.id   3M6I
#
_cell.length_a   134.520
_cell.length_b   134.520
_cell.length_c   224.340
_cell.angle_alpha   90.00
_cell.angle_beta   90.00
_cell.angle_gamma   120.00
#
_symmetry.space_group_name_H-M   'P 64 2 2'
#
loop_
_entity.id
_entity.type
_entity.pdbx_description
1 polymer 'L-arabinitol 4-dehydrogenase'
2 non-polymer 'ZINC ION'
3 non-polymer NICOTINAMIDE-ADENINE-DINUCLEOTIDE
4 water water
#
_entity_poly.entity_id   1
_entity_poly.type   'polypeptide(L)'
_entity_poly.pdbx_seq_one_letter_code
;MASSASKTNIGVFTNPQHDLWISEASPSLESVQKGEELKEGEVTVAVRSTGICGSDVHFWKHGCIGPMIVECDHVLGHES
AGEVIAVHPSVKSIKVGDRVAIEPQVICNACEPCLTGRYNGCERVDFLSTPPVPGLLRRYVNHPAVWCHKIGNMSYENGA
MLEPLSVALAGLQRAGVRLGDPVLICGAGPIGLITMLCAKAAGACPLVITDIDEGRLKFAKEICPEVVTHKVERLSAEES
AKKIVESFGGIEPAVALECTGVESSIAAAIWAVKFGGKVFVIGVGKNEIQIPFMRASVREVDLQFQYRYCNTWPRAIRLV
ENGLVDLTRLVTHRFPLEDALKAFETASDPKTGAIKVQIQSLE
;
_entity_poly.pdbx_strand_id   A,B
#
loop_
_chem_comp.id
_chem_comp.type
_chem_comp.name
_chem_comp.formula
NAD non-polymer NICOTINAMIDE-ADENINE-DINUCLEOTIDE 'C21 H27 N7 O14 P2'
ZN non-polymer 'ZINC ION' 'Zn 2'
#
# COMPACT_ATOMS: atom_id res chain seq x y z
N ALA A 5 -25.47 9.34 5.02
CA ALA A 5 -26.18 9.39 3.71
C ALA A 5 -26.57 10.83 3.30
N SER A 6 -25.66 11.49 2.57
CA SER A 6 -25.90 12.87 2.10
C SER A 6 -25.68 13.08 0.60
N LYS A 7 -24.74 12.35 0.01
CA LYS A 7 -24.36 12.56 -1.38
C LYS A 7 -25.30 11.87 -2.38
N THR A 8 -25.42 12.42 -3.58
CA THR A 8 -26.13 11.76 -4.68
C THR A 8 -25.41 10.45 -5.07
N ASN A 9 -26.19 9.39 -5.29
CA ASN A 9 -25.65 8.14 -5.74
C ASN A 9 -25.18 8.15 -7.18
N ILE A 10 -23.87 8.02 -7.36
CA ILE A 10 -23.32 7.83 -8.67
C ILE A 10 -22.71 6.43 -8.79
N GLY A 11 -22.35 6.04 -10.01
CA GLY A 11 -21.82 4.72 -10.29
C GLY A 11 -20.78 4.75 -11.38
N VAL A 12 -20.09 3.64 -11.56
CA VAL A 12 -19.05 3.56 -12.58
C VAL A 12 -19.54 2.63 -13.66
N PHE A 13 -19.72 3.18 -14.86
CA PHE A 13 -20.36 2.46 -15.93
C PHE A 13 -19.41 2.19 -17.07
N THR A 14 -19.72 1.12 -17.81
CA THR A 14 -19.09 0.81 -19.09
C THR A 14 -20.22 0.52 -20.08
N ASN A 15 -19.86 0.40 -21.35
CA ASN A 15 -20.81 0.11 -22.44
C ASN A 15 -20.18 -0.77 -23.55
N PRO A 16 -21.00 -1.29 -24.50
CA PRO A 16 -20.44 -2.13 -25.59
C PRO A 16 -19.39 -1.41 -26.41
N GLN A 17 -19.47 -0.08 -26.44
CA GLN A 17 -18.52 0.77 -27.12
C GLN A 17 -17.17 0.88 -26.35
N HIS A 18 -17.12 0.32 -25.14
CA HIS A 18 -15.89 0.28 -24.29
C HIS A 18 -15.51 1.63 -23.69
N ASP A 19 -16.53 2.41 -23.38
CA ASP A 19 -16.38 3.66 -22.67
C ASP A 19 -16.37 3.34 -21.19
N LEU A 20 -15.77 4.22 -20.38
CA LEU A 20 -15.91 4.13 -18.94
C LEU A 20 -16.18 5.52 -18.42
N TRP A 21 -17.28 5.68 -17.67
CA TRP A 21 -17.70 7.01 -17.21
C TRP A 21 -18.53 6.91 -15.95
N ILE A 22 -18.56 7.97 -15.16
CA ILE A 22 -19.34 8.03 -13.92
C ILE A 22 -20.68 8.70 -14.21
N SER A 23 -21.71 8.31 -13.48
CA SER A 23 -23.05 8.80 -13.75
C SER A 23 -23.94 8.47 -12.59
N GLU A 24 -25.10 9.12 -12.53
CA GLU A 24 -26.04 8.89 -11.45
C GLU A 24 -26.55 7.43 -11.45
N ALA A 25 -26.93 6.91 -10.27
CA ALA A 25 -27.22 5.49 -10.10
C ALA A 25 -28.30 5.20 -9.06
N SER A 26 -28.86 3.99 -9.13
CA SER A 26 -29.88 3.58 -8.17
C SER A 26 -29.21 2.78 -7.05
N PRO A 27 -29.87 2.69 -5.88
CA PRO A 27 -31.07 3.48 -5.56
C PRO A 27 -30.74 4.99 -5.50
N SER A 28 -31.74 5.85 -5.54
CA SER A 28 -31.49 7.28 -5.35
C SER A 28 -31.30 7.57 -3.86
N LEU A 29 -30.65 8.69 -3.56
CA LEU A 29 -30.45 9.13 -2.17
C LEU A 29 -31.74 9.13 -1.38
N GLU A 30 -32.75 9.75 -1.96
CA GLU A 30 -34.00 9.95 -1.28
C GLU A 30 -34.64 8.61 -1.00
N SER A 31 -34.66 7.76 -2.02
CA SER A 31 -35.03 6.36 -1.87
C SER A 31 -34.39 5.75 -0.62
N VAL A 32 -33.09 5.92 -0.44
CA VAL A 32 -32.43 5.29 0.69
C VAL A 32 -32.73 5.96 2.03
N GLN A 33 -32.98 7.27 2.00
CA GLN A 33 -33.20 8.04 3.24
C GLN A 33 -34.51 7.71 3.91
N LYS A 34 -35.48 7.26 3.12
CA LYS A 34 -36.79 6.89 3.64
C LYS A 34 -37.07 5.39 3.49
N GLY A 35 -36.08 4.64 3.01
CA GLY A 35 -36.20 3.19 2.82
C GLY A 35 -37.30 2.74 1.88
N GLU A 36 -37.39 3.41 0.71
CA GLU A 36 -38.42 3.09 -0.29
C GLU A 36 -38.26 1.69 -0.87
N GLU A 37 -37.26 1.51 -1.73
CA GLU A 37 -37.12 0.27 -2.49
C GLU A 37 -36.64 -0.94 -1.68
N LEU A 38 -36.60 -0.81 -0.35
CA LEU A 38 -36.03 -1.86 0.48
C LEU A 38 -36.99 -3.04 0.66
N LYS A 39 -36.71 -4.12 -0.06
CA LYS A 39 -37.47 -5.38 0.01
C LYS A 39 -37.27 -6.19 1.31
N GLU A 40 -37.87 -7.37 1.33
CA GLU A 40 -37.73 -8.35 2.41
C GLU A 40 -36.30 -8.83 2.59
N GLY A 41 -35.81 -8.77 3.83
CA GLY A 41 -34.46 -9.26 4.19
C GLY A 41 -33.31 -8.41 3.66
N GLU A 42 -33.63 -7.28 3.05
CA GLU A 42 -32.62 -6.41 2.43
C GLU A 42 -32.16 -5.26 3.32
N VAL A 43 -30.94 -4.82 3.03
CA VAL A 43 -30.37 -3.65 3.67
C VAL A 43 -29.77 -2.74 2.60
N THR A 44 -29.40 -1.54 3.03
CA THR A 44 -28.69 -0.62 2.19
C THR A 44 -27.34 -0.46 2.83
N VAL A 45 -26.33 -0.51 2.00
CA VAL A 45 -24.95 -0.46 2.43
C VAL A 45 -24.34 0.74 1.76
N ALA A 46 -23.63 1.55 2.52
CA ALA A 46 -22.80 2.59 1.90
C ALA A 46 -21.43 2.01 1.58
N VAL A 47 -21.19 1.75 0.29
CA VAL A 47 -19.96 1.12 -0.13
C VAL A 47 -18.79 2.02 0.20
N ARG A 48 -17.92 1.54 1.07
CA ARG A 48 -16.76 2.31 1.44
C ARG A 48 -15.55 2.09 0.57
N SER A 49 -15.33 0.86 0.11
CA SER A 49 -14.13 0.56 -0.69
C SER A 49 -14.37 -0.55 -1.69
N THR A 50 -13.78 -0.47 -2.87
CA THR A 50 -14.04 -1.45 -3.91
C THR A 50 -12.83 -1.62 -4.78
N GLY A 51 -12.40 -2.89 -4.89
CA GLY A 51 -11.22 -3.25 -5.66
C GLY A 51 -11.59 -3.45 -7.11
N ILE A 52 -10.66 -3.14 -7.98
CA ILE A 52 -10.83 -3.36 -9.39
C ILE A 52 -10.22 -4.70 -9.71
N CYS A 53 -11.03 -5.59 -10.27
CA CYS A 53 -10.61 -6.92 -10.62
C CYS A 53 -10.29 -6.96 -12.10
N GLY A 54 -9.56 -7.99 -12.54
CA GLY A 54 -9.30 -8.21 -13.96
C GLY A 54 -10.61 -8.30 -14.74
N SER A 55 -11.57 -9.05 -14.19
CA SER A 55 -12.99 -8.96 -14.56
C SER A 55 -13.38 -7.58 -15.18
N ASP A 56 -13.55 -6.61 -14.29
CA ASP A 56 -13.88 -5.21 -14.62
C ASP A 56 -13.08 -4.64 -15.80
N VAL A 57 -11.74 -4.77 -15.75
CA VAL A 57 -10.88 -4.27 -16.83
C VAL A 57 -11.26 -4.94 -18.13
N HIS A 58 -11.49 -6.25 -18.10
CA HIS A 58 -11.83 -6.95 -19.33
C HIS A 58 -13.22 -6.53 -19.86
N PHE A 59 -14.22 -6.39 -18.96
CA PHE A 59 -15.55 -5.89 -19.38
C PHE A 59 -15.42 -4.50 -20.00
N TRP A 60 -14.68 -3.63 -19.35
CA TRP A 60 -14.47 -2.31 -19.88
C TRP A 60 -13.83 -2.38 -21.25
N LYS A 61 -12.67 -3.02 -21.36
CA LYS A 61 -11.91 -3.02 -22.62
C LYS A 61 -12.52 -3.88 -23.75
N HIS A 62 -13.28 -4.91 -23.41
CA HIS A 62 -13.70 -5.91 -24.42
C HIS A 62 -15.20 -6.20 -24.51
N GLY A 63 -15.95 -5.95 -23.44
CA GLY A 63 -17.40 -6.09 -23.47
C GLY A 63 -17.98 -7.45 -23.14
N CYS A 64 -17.12 -8.42 -22.78
CA CYS A 64 -17.56 -9.79 -22.45
C CYS A 64 -16.50 -10.64 -21.75
N ILE A 65 -16.93 -11.78 -21.23
CA ILE A 65 -16.02 -12.76 -20.67
C ILE A 65 -16.18 -14.08 -21.44
N GLY A 66 -17.34 -14.69 -21.29
CA GLY A 66 -17.66 -15.86 -22.13
C GLY A 66 -19.04 -15.57 -22.62
N PRO A 67 -20.05 -16.27 -22.07
CA PRO A 67 -21.44 -15.94 -22.32
C PRO A 67 -21.86 -14.61 -21.66
N MET A 68 -20.94 -13.99 -20.91
CA MET A 68 -21.24 -12.76 -20.16
C MET A 68 -20.99 -11.54 -21.03
N ILE A 69 -22.07 -10.88 -21.44
CA ILE A 69 -21.99 -9.84 -22.45
C ILE A 69 -22.53 -8.52 -21.89
N VAL A 70 -21.75 -7.47 -22.06
CA VAL A 70 -22.20 -6.13 -21.74
C VAL A 70 -23.01 -5.63 -22.93
N GLU A 71 -24.32 -5.62 -22.76
CA GLU A 71 -25.22 -5.15 -23.80
C GLU A 71 -25.95 -3.87 -23.34
N CYS A 72 -25.22 -2.77 -23.23
CA CYS A 72 -25.75 -1.51 -22.68
C CYS A 72 -25.09 -1.06 -21.35
N ASP A 73 -25.46 0.14 -20.89
CA ASP A 73 -24.90 0.81 -19.73
C ASP A 73 -24.87 -0.04 -18.45
N HIS A 74 -23.69 -0.36 -17.96
CA HIS A 74 -23.57 -1.37 -16.93
C HIS A 74 -22.59 -0.93 -15.85
N VAL A 75 -22.98 -1.09 -14.59
CA VAL A 75 -22.15 -0.68 -13.46
C VAL A 75 -21.19 -1.79 -13.03
N LEU A 76 -19.90 -1.47 -12.94
CA LEU A 76 -18.92 -2.49 -12.62
C LEU A 76 -18.61 -2.69 -11.12
N GLY A 77 -17.55 -3.47 -10.83
CA GLY A 77 -17.06 -3.71 -9.47
C GLY A 77 -17.81 -4.78 -8.67
N HIS A 78 -17.08 -5.69 -8.01
CA HIS A 78 -17.73 -6.67 -7.11
C HIS A 78 -16.89 -7.04 -5.89
N GLU A 79 -15.81 -6.32 -5.64
CA GLU A 79 -14.96 -6.60 -4.47
C GLU A 79 -15.15 -5.44 -3.49
N SER A 80 -16.14 -5.55 -2.60
CA SER A 80 -16.51 -4.38 -1.79
C SER A 80 -16.90 -4.71 -0.39
N ALA A 81 -16.61 -3.75 0.49
CA ALA A 81 -17.06 -3.68 1.87
C ALA A 81 -17.61 -2.27 2.15
N GLY A 82 -18.50 -2.15 3.11
CA GLY A 82 -19.00 -0.85 3.49
C GLY A 82 -19.88 -0.85 4.71
N GLU A 83 -20.54 0.27 4.94
CA GLU A 83 -21.32 0.51 6.14
C GLU A 83 -22.83 0.39 5.89
N VAL A 84 -23.52 -0.34 6.76
CA VAL A 84 -24.97 -0.45 6.72
C VAL A 84 -25.61 0.83 7.23
N ILE A 85 -26.55 1.38 6.44
CA ILE A 85 -27.18 2.66 6.75
C ILE A 85 -28.70 2.56 6.87
N ALA A 86 -29.28 1.65 6.12
CA ALA A 86 -30.69 1.33 6.24
C ALA A 86 -30.91 -0.17 6.28
N VAL A 87 -31.97 -0.56 6.97
CA VAL A 87 -32.27 -1.95 7.28
C VAL A 87 -33.78 -2.16 7.13
N HIS A 88 -34.19 -3.15 6.34
CA HIS A 88 -35.60 -3.52 6.35
C HIS A 88 -35.97 -3.99 7.76
N PRO A 89 -37.20 -3.68 8.22
CA PRO A 89 -37.65 -4.11 9.56
C PRO A 89 -37.47 -5.61 9.85
N SER A 90 -37.55 -6.46 8.83
CA SER A 90 -37.35 -7.90 9.01
C SER A 90 -35.91 -8.23 9.37
N VAL A 91 -34.94 -7.50 8.82
CA VAL A 91 -33.53 -7.84 9.00
C VAL A 91 -33.11 -7.94 10.45
N LYS A 92 -32.79 -9.17 10.84
CA LYS A 92 -32.42 -9.60 12.19
C LYS A 92 -30.89 -9.62 12.33
N SER A 93 -30.25 -10.23 11.33
CA SER A 93 -28.83 -10.50 11.23
C SER A 93 -27.87 -9.30 11.38
N ILE A 94 -28.31 -8.14 10.93
CA ILE A 94 -27.42 -6.99 10.71
C ILE A 94 -28.09 -5.70 11.23
N LYS A 95 -27.30 -4.74 11.69
CA LYS A 95 -27.88 -3.48 12.19
C LYS A 95 -27.25 -2.23 11.54
N VAL A 96 -27.97 -1.11 11.54
CA VAL A 96 -27.41 0.14 11.01
C VAL A 96 -26.11 0.39 11.75
N GLY A 97 -25.06 0.76 11.03
CA GLY A 97 -23.79 1.07 11.64
C GLY A 97 -22.72 -0.02 11.46
N ASP A 98 -23.18 -1.23 11.12
CA ASP A 98 -22.28 -2.36 10.92
C ASP A 98 -21.36 -2.21 9.72
N ARG A 99 -20.09 -2.48 9.93
CA ARG A 99 -19.19 -2.66 8.80
C ARG A 99 -19.54 -4.04 8.27
N VAL A 100 -19.70 -4.14 6.94
CA VAL A 100 -19.97 -5.42 6.29
C VAL A 100 -19.10 -5.60 5.05
N ALA A 101 -18.90 -6.85 4.65
CA ALA A 101 -18.22 -7.10 3.39
C ALA A 101 -19.26 -7.76 2.53
N ILE A 102 -19.31 -7.39 1.26
CA ILE A 102 -20.43 -7.75 0.42
C ILE A 102 -20.07 -8.92 -0.46
N GLU A 103 -20.87 -9.98 -0.35
CA GLU A 103 -20.73 -11.12 -1.27
C GLU A 103 -21.65 -10.84 -2.45
N PRO A 104 -21.05 -10.61 -3.62
CA PRO A 104 -21.69 -10.02 -4.78
C PRO A 104 -22.56 -11.00 -5.52
N GLN A 105 -23.37 -11.74 -4.78
CA GLN A 105 -23.96 -12.93 -5.33
C GLN A 105 -25.31 -13.20 -4.63
N VAL A 106 -26.38 -13.22 -5.41
CA VAL A 106 -27.69 -13.47 -4.82
C VAL A 106 -28.24 -14.78 -5.37
N ILE A 107 -28.71 -15.59 -4.43
CA ILE A 107 -29.00 -17.00 -4.64
C ILE A 107 -30.50 -17.25 -4.55
N CYS A 108 -30.99 -18.25 -5.29
CA CYS A 108 -32.42 -18.57 -5.34
C CYS A 108 -32.81 -19.61 -4.31
N ASN A 109 -31.83 -20.34 -3.75
CA ASN A 109 -32.07 -21.36 -2.71
C ASN A 109 -32.98 -22.54 -3.12
N ALA A 110 -33.18 -22.72 -4.42
CA ALA A 110 -34.17 -23.69 -4.90
C ALA A 110 -33.66 -24.62 -6.00
N CYS A 111 -32.70 -24.16 -6.80
CA CYS A 111 -32.07 -25.00 -7.83
C CYS A 111 -31.04 -25.98 -7.22
N GLU A 112 -30.63 -26.97 -8.02
CA GLU A 112 -29.69 -27.99 -7.57
C GLU A 112 -28.32 -27.46 -7.14
N PRO A 113 -27.68 -26.59 -7.95
CA PRO A 113 -26.41 -26.08 -7.45
C PRO A 113 -26.52 -25.35 -6.08
N CYS A 114 -27.67 -24.73 -5.80
CA CYS A 114 -27.93 -24.10 -4.51
C CYS A 114 -28.06 -25.07 -3.36
N LEU A 115 -28.93 -26.07 -3.52
CA LEU A 115 -29.21 -27.00 -2.44
C LEU A 115 -28.05 -27.95 -2.13
N THR A 116 -27.23 -28.31 -3.13
CA THR A 116 -26.04 -29.15 -2.88
C THR A 116 -24.81 -28.34 -2.41
N GLY A 117 -25.02 -27.04 -2.21
CA GLY A 117 -23.98 -26.16 -1.69
C GLY A 117 -23.05 -25.56 -2.71
N ARG A 118 -23.13 -25.98 -3.97
CA ARG A 118 -22.28 -25.39 -5.01
C ARG A 118 -22.89 -24.07 -5.50
N TYR A 119 -23.41 -23.25 -4.58
CA TYR A 119 -24.32 -22.13 -4.96
C TYR A 119 -23.76 -21.02 -5.84
N ASN A 120 -22.46 -21.07 -6.17
CA ASN A 120 -21.94 -20.22 -7.24
C ASN A 120 -22.50 -20.60 -8.62
N GLY A 121 -23.05 -21.81 -8.75
CA GLY A 121 -23.64 -22.26 -10.02
C GLY A 121 -25.15 -22.19 -10.09
N CYS A 122 -25.74 -21.41 -9.19
CA CYS A 122 -27.18 -21.18 -9.16
C CYS A 122 -27.72 -20.83 -10.55
N GLU A 123 -28.86 -21.42 -10.88
CA GLU A 123 -29.47 -21.29 -12.20
C GLU A 123 -30.19 -19.94 -12.40
N ARG A 124 -30.39 -19.18 -11.33
CA ARG A 124 -31.04 -17.88 -11.40
C ARG A 124 -30.23 -16.82 -10.63
N VAL A 125 -28.89 -16.94 -10.69
CA VAL A 125 -28.01 -16.13 -9.84
C VAL A 125 -27.96 -14.70 -10.34
N ASP A 126 -28.03 -13.75 -9.41
CA ASP A 126 -27.61 -12.37 -9.67
C ASP A 126 -26.18 -12.21 -9.15
N PHE A 127 -25.24 -12.10 -10.06
CA PHE A 127 -23.88 -11.78 -9.65
C PHE A 127 -23.63 -10.32 -9.98
N LEU A 128 -23.39 -9.54 -8.94
CA LEU A 128 -23.48 -8.08 -9.04
C LEU A 128 -22.59 -7.49 -10.13
N SER A 129 -21.29 -7.71 -10.11
CA SER A 129 -20.59 -7.13 -11.26
C SER A 129 -20.99 -7.63 -12.71
N THR A 130 -21.83 -8.67 -12.82
CA THR A 130 -22.02 -9.37 -14.11
C THR A 130 -23.29 -8.94 -14.83
N PRO A 131 -23.19 -8.51 -16.10
CA PRO A 131 -24.37 -8.08 -16.86
C PRO A 131 -25.46 -9.14 -16.80
N PRO A 132 -26.75 -8.71 -16.68
CA PRO A 132 -27.17 -7.29 -16.56
C PRO A 132 -27.12 -6.73 -15.13
N VAL A 133 -26.71 -7.54 -14.15
CA VAL A 133 -26.75 -7.10 -12.74
C VAL A 133 -25.69 -6.00 -12.44
N PRO A 134 -26.14 -4.83 -11.93
CA PRO A 134 -25.25 -3.67 -11.62
C PRO A 134 -24.19 -3.98 -10.53
N GLY A 135 -22.97 -3.51 -10.78
CA GLY A 135 -21.87 -3.78 -9.88
C GLY A 135 -21.97 -3.00 -8.60
N LEU A 136 -20.85 -2.86 -7.90
CA LEU A 136 -20.85 -2.35 -6.55
C LEU A 136 -20.08 -1.05 -6.54
N LEU A 137 -19.55 -0.67 -7.70
CA LEU A 137 -18.97 0.66 -7.87
C LEU A 137 -20.06 1.75 -7.89
N ARG A 138 -20.77 1.87 -6.78
CA ARG A 138 -21.75 2.91 -6.53
C ARG A 138 -21.57 3.41 -5.10
N ARG A 139 -22.31 4.43 -4.69
CA ARG A 139 -22.20 4.95 -3.31
C ARG A 139 -23.11 4.16 -2.38
N TYR A 140 -24.24 3.70 -2.91
CA TYR A 140 -25.15 2.88 -2.12
C TYR A 140 -25.68 1.74 -2.96
N VAL A 141 -25.97 0.63 -2.29
CA VAL A 141 -26.51 -0.55 -2.95
C VAL A 141 -27.50 -1.13 -1.99
N ASN A 142 -28.56 -1.71 -2.54
CA ASN A 142 -29.50 -2.51 -1.75
C ASN A 142 -29.16 -3.98 -1.94
N HIS A 143 -29.06 -4.72 -0.85
CA HIS A 143 -28.50 -6.09 -0.91
C HIS A 143 -29.10 -6.93 0.20
N PRO A 144 -29.30 -8.23 -0.04
CA PRO A 144 -29.92 -9.03 1.03
C PRO A 144 -28.98 -9.15 2.24
N ALA A 145 -29.50 -9.13 3.46
CA ALA A 145 -28.62 -9.14 4.62
C ALA A 145 -27.71 -10.37 4.66
N VAL A 146 -28.27 -11.51 4.27
CA VAL A 146 -27.57 -12.78 4.31
C VAL A 146 -26.33 -12.81 3.42
N TRP A 147 -26.13 -11.76 2.64
CA TRP A 147 -24.94 -11.69 1.78
C TRP A 147 -24.04 -10.50 2.14
N CYS A 148 -24.36 -9.89 3.28
CA CYS A 148 -23.55 -8.87 3.89
C CYS A 148 -22.98 -9.49 5.15
N HIS A 149 -21.68 -9.70 5.16
CA HIS A 149 -21.04 -10.38 6.27
C HIS A 149 -20.42 -9.40 7.24
N LYS A 150 -20.88 -9.43 8.50
CA LYS A 150 -20.30 -8.62 9.56
C LYS A 150 -18.77 -8.76 9.61
N ILE A 151 -18.07 -7.64 9.77
CA ILE A 151 -16.62 -7.66 9.93
C ILE A 151 -16.10 -6.86 11.15
N GLY A 152 -17.00 -6.45 12.03
CA GLY A 152 -16.64 -5.77 13.29
C GLY A 152 -15.81 -4.54 13.00
N ASN A 153 -14.59 -4.48 13.54
CA ASN A 153 -13.72 -3.31 13.35
C ASN A 153 -12.65 -3.48 12.26
N MET A 154 -12.85 -4.45 11.36
CA MET A 154 -11.90 -4.63 10.27
C MET A 154 -11.89 -3.41 9.36
N SER A 155 -10.73 -3.12 8.77
CA SER A 155 -10.58 -2.00 7.87
C SER A 155 -11.42 -2.29 6.63
N TYR A 156 -11.80 -1.25 5.90
CA TYR A 156 -12.63 -1.44 4.71
C TYR A 156 -11.83 -1.98 3.57
N GLU A 157 -10.56 -1.57 3.45
CA GLU A 157 -9.73 -2.15 2.41
C GLU A 157 -9.56 -3.66 2.64
N ASN A 158 -9.43 -4.10 3.89
CA ASN A 158 -9.38 -5.56 4.13
C ASN A 158 -10.70 -6.17 3.73
N GLY A 159 -11.78 -5.58 4.25
CA GLY A 159 -13.14 -6.08 4.00
C GLY A 159 -13.43 -6.24 2.51
N ALA A 160 -12.83 -5.38 1.71
CA ALA A 160 -13.00 -5.41 0.27
C ALA A 160 -12.13 -6.50 -0.31
N MET A 161 -10.99 -6.78 0.34
CA MET A 161 -10.05 -7.79 -0.14
C MET A 161 -10.66 -9.17 0.09
N LEU A 162 -11.63 -9.25 0.98
CA LEU A 162 -12.27 -10.50 1.29
C LEU A 162 -12.80 -11.24 0.05
N GLU A 163 -13.05 -10.52 -1.02
CA GLU A 163 -13.64 -11.16 -2.19
C GLU A 163 -12.60 -11.87 -3.04
N PRO A 164 -11.52 -11.19 -3.43
CA PRO A 164 -10.50 -12.01 -4.09
C PRO A 164 -9.81 -12.98 -3.10
N LEU A 165 -9.71 -12.65 -1.81
CA LEU A 165 -9.28 -13.68 -0.89
C LEU A 165 -10.14 -14.93 -1.10
N SER A 166 -11.46 -14.74 -1.14
CA SER A 166 -12.42 -15.82 -1.39
C SER A 166 -12.19 -16.56 -2.71
N VAL A 167 -11.69 -15.89 -3.72
CA VAL A 167 -11.45 -16.57 -4.98
C VAL A 167 -10.29 -17.57 -4.79
N ALA A 168 -9.29 -17.12 -4.05
CA ALA A 168 -8.12 -17.90 -3.73
C ALA A 168 -8.54 -19.11 -2.91
N LEU A 169 -9.32 -18.88 -1.86
CA LEU A 169 -9.74 -19.97 -0.97
C LEU A 169 -10.56 -21.08 -1.65
N ALA A 170 -11.47 -20.68 -2.53
CA ALA A 170 -12.34 -21.61 -3.22
C ALA A 170 -11.50 -22.43 -4.19
N GLY A 171 -10.57 -21.77 -4.87
CA GLY A 171 -9.58 -22.43 -5.71
C GLY A 171 -8.84 -23.47 -4.89
N LEU A 172 -8.15 -23.01 -3.85
CA LEU A 172 -7.39 -23.88 -2.96
C LEU A 172 -8.14 -25.08 -2.49
N GLN A 173 -9.37 -24.85 -2.06
CA GLN A 173 -10.20 -25.92 -1.55
C GLN A 173 -10.50 -26.93 -2.64
N ARG A 174 -10.94 -26.49 -3.81
CA ARG A 174 -11.28 -27.45 -4.86
C ARG A 174 -10.02 -28.03 -5.51
N ALA A 175 -8.91 -27.29 -5.50
CA ALA A 175 -7.64 -27.83 -6.00
C ALA A 175 -7.09 -28.92 -5.07
N GLY A 176 -7.47 -28.87 -3.80
CA GLY A 176 -7.01 -29.86 -2.86
C GLY A 176 -5.63 -29.66 -2.23
N VAL A 177 -5.05 -28.45 -2.34
CA VAL A 177 -3.83 -28.08 -1.64
C VAL A 177 -3.74 -28.46 -0.14
N ARG A 178 -2.65 -29.11 0.21
CA ARG A 178 -2.40 -29.42 1.63
C ARG A 178 -0.97 -29.15 2.11
N LEU A 179 -0.85 -29.03 3.42
CA LEU A 179 0.43 -28.86 4.11
C LEU A 179 1.44 -29.82 3.54
N GLY A 180 2.53 -29.29 3.02
CA GLY A 180 3.64 -30.11 2.51
C GLY A 180 3.69 -30.19 1.00
N ASP A 181 2.61 -29.80 0.35
CA ASP A 181 2.48 -29.90 -1.10
C ASP A 181 3.31 -28.85 -1.75
N PRO A 182 4.01 -29.22 -2.84
CA PRO A 182 4.68 -28.25 -3.66
C PRO A 182 3.67 -27.63 -4.61
N VAL A 183 3.60 -26.29 -4.65
CA VAL A 183 2.53 -25.61 -5.37
C VAL A 183 3.10 -24.60 -6.33
N LEU A 184 2.58 -24.59 -7.55
CA LEU A 184 2.97 -23.62 -8.55
C LEU A 184 1.85 -22.61 -8.71
N ILE A 185 2.20 -21.33 -8.76
CA ILE A 185 1.26 -20.25 -9.05
C ILE A 185 1.69 -19.61 -10.37
N CYS A 186 0.80 -19.58 -11.36
CA CYS A 186 1.16 -18.91 -12.62
C CYS A 186 0.49 -17.58 -12.65
N GLY A 187 1.29 -16.51 -12.75
CA GLY A 187 0.79 -15.14 -12.66
C GLY A 187 0.92 -14.52 -11.30
N ALA A 188 1.50 -13.31 -11.28
CA ALA A 188 1.70 -12.51 -10.08
C ALA A 188 0.88 -11.21 -10.14
N GLY A 189 -0.28 -11.26 -10.78
CA GLY A 189 -1.25 -10.21 -10.62
C GLY A 189 -1.92 -10.38 -9.27
N PRO A 190 -2.86 -9.49 -8.92
CA PRO A 190 -3.54 -9.60 -7.63
C PRO A 190 -3.95 -11.01 -7.24
N ILE A 191 -4.58 -11.75 -8.15
CA ILE A 191 -5.12 -13.09 -7.82
C ILE A 191 -3.99 -14.10 -7.57
N GLY A 192 -2.99 -14.13 -8.44
CA GLY A 192 -1.80 -14.95 -8.18
C GLY A 192 -1.21 -14.69 -6.79
N LEU A 193 -1.05 -13.40 -6.48
CA LEU A 193 -0.37 -12.98 -5.28
C LEU A 193 -1.14 -13.41 -4.02
N ILE A 194 -2.46 -13.24 -4.05
CA ILE A 194 -3.30 -13.66 -2.94
C ILE A 194 -3.27 -15.17 -2.82
N THR A 195 -3.23 -15.85 -3.97
CA THR A 195 -3.24 -17.31 -4.01
C THR A 195 -1.92 -17.84 -3.45
N MET A 196 -0.83 -17.19 -3.81
CA MET A 196 0.48 -17.48 -3.23
C MET A 196 0.47 -17.25 -1.71
N LEU A 197 -0.12 -16.14 -1.26
CA LEU A 197 -0.10 -15.86 0.16
C LEU A 197 -0.86 -16.95 0.84
N CYS A 198 -1.86 -17.46 0.14
CA CYS A 198 -2.74 -18.50 0.65
C CYS A 198 -2.07 -19.85 0.73
N ALA A 199 -1.40 -20.23 -0.34
CA ALA A 199 -0.63 -21.46 -0.38
C ALA A 199 0.39 -21.46 0.75
N LYS A 200 1.14 -20.37 0.87
CA LYS A 200 2.12 -20.20 1.94
C LYS A 200 1.51 -20.38 3.32
N ALA A 201 0.39 -19.72 3.61
CA ALA A 201 -0.25 -19.88 4.91
C ALA A 201 -0.75 -21.30 5.10
N ALA A 202 -0.97 -21.98 3.98
CA ALA A 202 -1.44 -23.36 3.99
C ALA A 202 -0.29 -24.38 4.13
N GLY A 203 0.94 -23.89 4.22
CA GLY A 203 2.08 -24.75 4.41
C GLY A 203 2.53 -25.42 3.13
N ALA A 204 2.10 -24.88 2.00
CA ALA A 204 2.60 -25.36 0.73
C ALA A 204 4.09 -25.20 0.74
N CYS A 205 4.82 -26.15 0.16
CA CYS A 205 6.25 -25.93 -0.08
C CYS A 205 6.92 -27.04 -0.87
N PRO A 206 7.82 -26.66 -1.80
CA PRO A 206 8.20 -25.27 -2.08
C PRO A 206 7.12 -24.54 -2.91
N LEU A 207 7.21 -23.22 -2.92
CA LEU A 207 6.29 -22.34 -3.63
C LEU A 207 7.00 -21.69 -4.78
N VAL A 208 6.44 -21.78 -5.97
CA VAL A 208 6.99 -21.07 -7.13
C VAL A 208 5.89 -20.21 -7.73
N ILE A 209 6.24 -19.00 -8.14
CA ILE A 209 5.29 -18.17 -8.89
C ILE A 209 5.93 -17.64 -10.19
N THR A 210 5.20 -17.75 -11.28
CA THR A 210 5.67 -17.26 -12.58
C THR A 210 4.98 -15.95 -12.99
N ASP A 211 5.63 -15.23 -13.90
CA ASP A 211 5.05 -14.07 -14.55
C ASP A 211 5.95 -13.61 -15.70
N ILE A 212 5.39 -12.82 -16.62
CA ILE A 212 6.17 -12.20 -17.68
C ILE A 212 6.82 -10.92 -17.15
N ASP A 213 6.36 -10.45 -16.00
CA ASP A 213 6.64 -9.11 -15.50
C ASP A 213 7.56 -9.13 -14.27
N GLU A 214 8.82 -8.71 -14.44
CA GLU A 214 9.81 -8.79 -13.36
C GLU A 214 9.40 -8.03 -12.11
N GLY A 215 8.86 -6.83 -12.31
CA GLY A 215 8.39 -6.02 -11.22
C GLY A 215 7.39 -6.70 -10.32
N ARG A 216 6.40 -7.40 -10.91
CA ARG A 216 5.41 -8.13 -10.11
C ARG A 216 6.04 -9.33 -9.42
N LEU A 217 7.12 -9.86 -10.02
CA LEU A 217 7.87 -10.91 -9.35
C LEU A 217 8.65 -10.42 -8.14
N LYS A 218 9.25 -9.23 -8.25
CA LYS A 218 9.98 -8.67 -7.12
C LYS A 218 9.03 -8.31 -6.00
N PHE A 219 7.85 -7.83 -6.36
CA PHE A 219 6.82 -7.62 -5.35
C PHE A 219 6.44 -8.91 -4.63
N ALA A 220 6.19 -9.98 -5.38
CA ALA A 220 5.84 -11.28 -4.80
C ALA A 220 6.88 -11.75 -3.79
N LYS A 221 8.16 -11.67 -4.19
CA LYS A 221 9.26 -12.01 -3.29
C LYS A 221 9.38 -11.13 -2.05
N GLU A 222 9.02 -9.85 -2.15
CA GLU A 222 8.98 -8.99 -0.96
C GLU A 222 7.90 -9.40 0.01
N ILE A 223 6.70 -9.71 -0.50
CA ILE A 223 5.58 -9.99 0.43
C ILE A 223 5.55 -11.46 0.87
N CYS A 224 6.30 -12.30 0.18
CA CYS A 224 6.44 -13.71 0.53
C CYS A 224 7.90 -14.15 0.31
N PRO A 225 8.79 -13.77 1.25
CA PRO A 225 10.24 -14.02 1.13
C PRO A 225 10.61 -15.45 0.68
N GLU A 226 9.88 -16.46 1.17
CA GLU A 226 10.21 -17.89 0.97
C GLU A 226 9.86 -18.48 -0.40
N VAL A 227 9.21 -17.69 -1.25
CA VAL A 227 8.80 -18.14 -2.55
C VAL A 227 9.97 -18.02 -3.49
N VAL A 228 9.96 -18.83 -4.53
CA VAL A 228 10.93 -18.78 -5.59
C VAL A 228 10.19 -18.25 -6.79
N THR A 229 10.71 -17.20 -7.41
CA THR A 229 10.03 -16.57 -8.53
C THR A 229 10.57 -17.11 -9.83
N HIS A 230 9.77 -17.10 -10.88
CA HIS A 230 10.27 -17.57 -12.16
C HIS A 230 9.79 -16.72 -13.34
N LYS A 231 10.73 -16.07 -14.01
CA LYS A 231 10.37 -15.17 -15.10
C LYS A 231 10.19 -16.06 -16.31
N VAL A 232 9.10 -15.89 -17.04
CA VAL A 232 8.83 -16.78 -18.16
C VAL A 232 9.43 -16.28 -19.46
N GLU A 233 10.13 -17.19 -20.16
CA GLU A 233 10.68 -16.89 -21.47
C GLU A 233 9.86 -17.58 -22.54
N ARG A 234 10.01 -17.13 -23.77
CA ARG A 234 9.35 -17.75 -24.93
C ARG A 234 9.93 -19.16 -25.17
N LEU A 235 9.21 -20.18 -24.73
CA LEU A 235 9.61 -21.58 -24.86
C LEU A 235 8.37 -22.47 -25.02
N SER A 236 8.57 -23.62 -25.67
CA SER A 236 7.56 -24.66 -25.74
C SER A 236 7.07 -24.94 -24.32
N ALA A 237 5.85 -25.46 -24.22
CA ALA A 237 5.35 -25.85 -22.90
C ALA A 237 6.34 -26.78 -22.22
N GLU A 238 6.72 -27.85 -22.91
CA GLU A 238 7.64 -28.84 -22.38
C GLU A 238 8.89 -28.20 -21.75
N GLU A 239 9.53 -27.32 -22.52
CA GLU A 239 10.76 -26.71 -22.08
C GLU A 239 10.55 -25.75 -20.91
N SER A 240 9.46 -24.99 -20.94
CA SER A 240 9.05 -24.14 -19.80
C SER A 240 8.86 -24.91 -18.50
N ALA A 241 8.22 -26.09 -18.57
CA ALA A 241 8.06 -26.96 -17.39
C ALA A 241 9.40 -27.47 -16.80
N LYS A 242 10.41 -27.65 -17.65
CA LYS A 242 11.71 -28.09 -17.15
C LYS A 242 12.27 -26.97 -16.29
N LYS A 243 12.27 -25.76 -16.85
CA LYS A 243 12.69 -24.58 -16.11
C LYS A 243 11.95 -24.56 -14.81
N ILE A 244 10.62 -24.66 -14.87
CA ILE A 244 9.81 -24.63 -13.66
C ILE A 244 10.27 -25.68 -12.66
N VAL A 245 10.44 -26.91 -13.11
CA VAL A 245 10.84 -27.95 -12.14
C VAL A 245 12.22 -27.65 -11.52
N GLU A 246 13.09 -27.01 -12.32
CA GLU A 246 14.37 -26.51 -11.81
C GLU A 246 14.15 -25.50 -10.68
N SER A 247 13.25 -24.53 -10.86
CA SER A 247 12.92 -23.59 -9.77
C SER A 247 12.40 -24.26 -8.52
N PHE A 248 11.83 -25.46 -8.65
CA PHE A 248 11.32 -26.20 -7.46
C PHE A 248 12.36 -27.00 -6.66
N GLY A 249 13.62 -26.98 -7.09
CA GLY A 249 14.58 -27.96 -6.60
C GLY A 249 14.66 -28.91 -7.77
N GLY A 250 14.14 -30.13 -7.62
CA GLY A 250 13.83 -30.98 -8.80
C GLY A 250 12.49 -31.68 -8.64
N ILE A 251 11.72 -31.23 -7.64
CA ILE A 251 10.41 -31.74 -7.26
C ILE A 251 9.37 -31.24 -8.25
N GLU A 252 8.42 -32.09 -8.64
CA GLU A 252 7.36 -31.64 -9.56
C GLU A 252 6.17 -31.22 -8.73
N PRO A 253 5.56 -30.07 -9.06
CA PRO A 253 4.44 -29.57 -8.27
C PRO A 253 3.28 -30.54 -8.23
N ALA A 254 2.58 -30.56 -7.12
CA ALA A 254 1.38 -31.36 -6.98
C ALA A 254 0.21 -30.63 -7.63
N VAL A 255 0.20 -29.30 -7.52
CA VAL A 255 -0.92 -28.47 -7.94
C VAL A 255 -0.39 -27.22 -8.62
N ALA A 256 -0.95 -26.89 -9.77
CA ALA A 256 -0.70 -25.60 -10.42
C ALA A 256 -1.99 -24.74 -10.36
N LEU A 257 -1.89 -23.59 -9.69
CA LEU A 257 -3.00 -22.65 -9.58
C LEU A 257 -2.77 -21.60 -10.66
N GLU A 258 -3.54 -21.69 -11.71
CA GLU A 258 -3.27 -20.90 -12.90
C GLU A 258 -4.11 -19.62 -12.89
N CYS A 259 -3.42 -18.48 -12.87
CA CYS A 259 -4.10 -17.21 -12.62
C CYS A 259 -3.86 -16.17 -13.70
N THR A 260 -3.65 -16.64 -14.92
CA THR A 260 -3.49 -15.76 -16.07
C THR A 260 -4.59 -16.04 -17.08
N GLY A 261 -5.06 -17.29 -17.17
CA GLY A 261 -6.03 -17.69 -18.19
C GLY A 261 -5.45 -17.78 -19.60
N VAL A 262 -4.12 -17.76 -19.71
CA VAL A 262 -3.44 -17.67 -20.99
C VAL A 262 -3.01 -19.06 -21.49
N GLU A 263 -3.13 -19.29 -22.78
CA GLU A 263 -2.85 -20.61 -23.36
C GLU A 263 -1.46 -21.18 -22.99
N SER A 264 -0.40 -20.50 -23.37
CA SER A 264 0.95 -21.02 -23.12
C SER A 264 1.22 -21.31 -21.65
N SER A 265 0.63 -20.51 -20.77
CA SER A 265 0.89 -20.65 -19.35
C SER A 265 0.21 -21.89 -18.85
N ILE A 266 -1.04 -22.12 -19.30
CA ILE A 266 -1.78 -23.34 -18.93
C ILE A 266 -1.07 -24.59 -19.47
N ALA A 267 -0.53 -24.51 -20.69
CA ALA A 267 0.18 -25.65 -21.27
C ALA A 267 1.37 -26.05 -20.42
N ALA A 268 2.17 -25.07 -20.01
CA ALA A 268 3.39 -25.37 -19.29
C ALA A 268 3.05 -25.98 -17.94
N ALA A 269 1.87 -25.62 -17.44
CA ALA A 269 1.45 -26.06 -16.14
C ALA A 269 1.10 -27.54 -16.25
N ILE A 270 0.46 -27.90 -17.36
CA ILE A 270 0.12 -29.27 -17.65
C ILE A 270 1.39 -30.11 -17.75
N TRP A 271 2.42 -29.59 -18.42
CA TRP A 271 3.72 -30.26 -18.47
C TRP A 271 4.45 -30.28 -17.13
N ALA A 272 4.18 -29.34 -16.25
CA ALA A 272 5.01 -29.14 -15.05
C ALA A 272 4.62 -30.01 -13.88
N VAL A 273 3.32 -30.25 -13.72
CA VAL A 273 2.85 -30.91 -12.51
C VAL A 273 3.23 -32.38 -12.56
N LYS A 274 3.24 -33.00 -11.38
CA LYS A 274 3.52 -34.43 -11.23
C LYS A 274 2.44 -35.35 -11.86
N PHE A 275 2.73 -36.67 -11.87
CA PHE A 275 1.78 -37.70 -12.27
C PHE A 275 0.59 -37.65 -11.34
N GLY A 276 -0.62 -37.62 -11.88
CA GLY A 276 -1.82 -37.39 -11.08
C GLY A 276 -1.89 -35.96 -10.55
N GLY A 277 -1.13 -35.06 -11.17
CA GLY A 277 -1.20 -33.68 -10.76
C GLY A 277 -2.49 -33.00 -11.16
N LYS A 278 -2.78 -31.89 -10.48
CA LYS A 278 -3.96 -31.05 -10.73
C LYS A 278 -3.49 -29.68 -11.25
N VAL A 279 -4.00 -29.28 -12.42
CA VAL A 279 -3.83 -27.91 -12.92
C VAL A 279 -5.18 -27.17 -12.75
N PHE A 280 -5.23 -26.25 -11.79
CA PHE A 280 -6.47 -25.55 -11.45
C PHE A 280 -6.50 -24.13 -12.01
N VAL A 281 -7.41 -23.88 -12.94
CA VAL A 281 -7.41 -22.62 -13.70
C VAL A 281 -8.38 -21.59 -13.11
N ILE A 282 -7.83 -20.57 -12.44
CA ILE A 282 -8.65 -19.51 -11.88
C ILE A 282 -8.88 -18.45 -12.95
N GLY A 283 -7.80 -18.20 -13.69
CA GLY A 283 -7.79 -17.28 -14.79
C GLY A 283 -8.81 -17.57 -15.87
N VAL A 284 -9.02 -16.58 -16.71
CA VAL A 284 -10.09 -16.56 -17.67
C VAL A 284 -9.45 -15.96 -18.93
N GLY A 285 -9.89 -16.38 -20.11
CA GLY A 285 -9.30 -15.87 -21.35
C GLY A 285 -10.19 -16.26 -22.52
N LYS A 286 -9.56 -16.54 -23.66
CA LYS A 286 -10.22 -16.92 -24.91
C LYS A 286 -11.36 -17.94 -24.77
N ASN A 287 -12.35 -17.86 -25.66
CA ASN A 287 -13.42 -18.87 -25.72
C ASN A 287 -12.84 -20.29 -25.92
N GLU A 288 -11.82 -20.38 -26.75
CA GLU A 288 -11.18 -21.63 -27.02
C GLU A 288 -9.68 -21.53 -26.91
N ILE A 289 -9.05 -22.53 -26.30
CA ILE A 289 -7.59 -22.63 -26.27
C ILE A 289 -7.14 -24.00 -26.77
N GLN A 290 -5.91 -24.04 -27.28
CA GLN A 290 -5.24 -25.28 -27.60
C GLN A 290 -4.68 -25.87 -26.30
N ILE A 291 -4.91 -27.17 -26.11
CA ILE A 291 -4.50 -27.92 -24.93
C ILE A 291 -3.46 -28.99 -25.34
N PRO A 292 -2.41 -29.23 -24.53
CA PRO A 292 -1.60 -30.44 -24.76
C PRO A 292 -2.27 -31.72 -24.22
N PHE A 293 -3.20 -32.25 -25.02
CA PHE A 293 -4.02 -33.41 -24.67
C PHE A 293 -3.26 -34.69 -24.20
N MET A 294 -2.17 -35.05 -24.89
CA MET A 294 -1.55 -36.34 -24.64
C MET A 294 -0.69 -36.35 -23.42
N ARG A 295 -0.12 -35.18 -23.15
CA ARG A 295 0.63 -34.98 -21.90
C ARG A 295 -0.34 -35.09 -20.72
N ALA A 296 -1.52 -34.48 -20.86
CA ALA A 296 -2.52 -34.53 -19.80
C ALA A 296 -2.94 -35.97 -19.59
N SER A 297 -3.18 -36.63 -20.71
CA SER A 297 -3.64 -38.00 -20.73
C SER A 297 -2.67 -38.95 -20.05
N VAL A 298 -1.41 -38.97 -20.51
CA VAL A 298 -0.47 -39.97 -20.02
C VAL A 298 -0.06 -39.67 -18.59
N ARG A 299 -0.41 -38.47 -18.13
CA ARG A 299 -0.02 -38.06 -16.79
C ARG A 299 -1.17 -38.11 -15.77
N GLU A 300 -2.37 -38.44 -16.26
CA GLU A 300 -3.60 -38.37 -15.44
C GLU A 300 -3.65 -37.00 -14.75
N VAL A 301 -3.49 -35.95 -15.55
CA VAL A 301 -3.50 -34.60 -15.02
C VAL A 301 -4.94 -34.11 -15.01
N ASP A 302 -5.47 -33.75 -13.82
CA ASP A 302 -6.82 -33.16 -13.72
C ASP A 302 -6.76 -31.68 -14.11
N LEU A 303 -7.51 -31.30 -15.14
CA LEU A 303 -7.79 -29.89 -15.43
C LEU A 303 -9.06 -29.45 -14.73
N GLN A 304 -8.94 -28.44 -13.87
CA GLN A 304 -10.10 -27.89 -13.18
C GLN A 304 -10.26 -26.38 -13.38
N PHE A 305 -11.50 -25.88 -13.25
CA PHE A 305 -11.81 -24.47 -13.48
C PHE A 305 -12.70 -23.91 -12.40
N GLN A 306 -12.51 -22.63 -12.10
CA GLN A 306 -13.27 -21.97 -11.05
C GLN A 306 -14.23 -20.93 -11.62
N TYR A 307 -15.41 -20.89 -11.02
CA TYR A 307 -16.39 -19.86 -11.32
C TYR A 307 -16.78 -19.27 -9.96
N ARG A 308 -16.09 -18.19 -9.57
CA ARG A 308 -16.38 -17.55 -8.30
C ARG A 308 -16.25 -18.53 -7.10
N TYR A 309 -17.21 -18.52 -6.19
CA TYR A 309 -17.01 -19.12 -4.87
C TYR A 309 -18.30 -19.40 -4.16
N CYS A 310 -18.17 -20.11 -3.04
CA CYS A 310 -19.22 -20.23 -2.05
C CYS A 310 -18.61 -20.68 -0.74
N ASN A 311 -19.18 -20.19 0.36
CA ASN A 311 -18.84 -20.60 1.72
C ASN A 311 -17.39 -20.27 2.09
N THR A 312 -16.88 -19.21 1.49
CA THR A 312 -15.52 -18.76 1.74
C THR A 312 -15.50 -17.61 2.75
N TRP A 313 -16.64 -16.99 2.97
CA TRP A 313 -16.63 -15.73 3.69
C TRP A 313 -16.24 -15.83 5.17
N PRO A 314 -16.96 -16.63 5.97
CA PRO A 314 -16.51 -16.79 7.38
C PRO A 314 -15.04 -17.25 7.51
N ARG A 315 -14.59 -18.07 6.58
CA ARG A 315 -13.21 -18.51 6.57
C ARG A 315 -12.22 -17.45 6.10
N ALA A 316 -12.65 -16.57 5.20
CA ALA A 316 -11.76 -15.52 4.72
C ALA A 316 -11.57 -14.54 5.87
N ILE A 317 -12.66 -14.31 6.60
CA ILE A 317 -12.65 -13.41 7.73
C ILE A 317 -11.68 -13.92 8.79
N ARG A 318 -11.79 -15.21 9.13
CA ARG A 318 -10.93 -15.83 10.13
C ARG A 318 -9.46 -15.63 9.77
N LEU A 319 -9.08 -15.92 8.52
CA LEU A 319 -7.70 -15.73 8.09
C LEU A 319 -7.19 -14.31 8.24
N VAL A 320 -8.06 -13.32 8.12
CA VAL A 320 -7.63 -11.94 8.21
C VAL A 320 -7.52 -11.50 9.68
N GLU A 321 -8.53 -11.87 10.47
CA GLU A 321 -8.56 -11.61 11.90
C GLU A 321 -7.41 -12.27 12.68
N ASN A 322 -6.91 -13.42 12.21
CA ASN A 322 -5.86 -14.14 12.91
C ASN A 322 -4.48 -13.81 12.34
N GLY A 323 -4.45 -12.88 11.39
CA GLY A 323 -3.20 -12.44 10.79
C GLY A 323 -2.55 -13.49 9.93
N LEU A 324 -3.30 -14.51 9.54
CA LEU A 324 -2.74 -15.56 8.70
C LEU A 324 -2.49 -15.11 7.28
N VAL A 325 -3.21 -14.10 6.84
CA VAL A 325 -2.98 -13.54 5.50
C VAL A 325 -2.95 -12.03 5.61
N ASP A 326 -2.10 -11.38 4.86
CA ASP A 326 -1.99 -9.93 4.96
C ASP A 326 -2.36 -9.24 3.65
N LEU A 327 -3.61 -8.81 3.57
CA LEU A 327 -4.19 -8.42 2.28
C LEU A 327 -3.95 -6.97 1.92
N THR A 328 -4.29 -6.11 2.87
CA THR A 328 -4.13 -4.67 2.74
C THR A 328 -2.78 -4.32 2.09
N ARG A 329 -1.73 -5.05 2.47
CA ARG A 329 -0.39 -4.95 1.87
C ARG A 329 -0.32 -5.04 0.33
N LEU A 330 -1.40 -5.48 -0.32
CA LEU A 330 -1.44 -5.59 -1.81
C LEU A 330 -2.04 -4.39 -2.53
N VAL A 331 -2.74 -3.51 -1.81
CA VAL A 331 -3.33 -2.31 -2.39
C VAL A 331 -2.24 -1.26 -2.60
N THR A 332 -1.91 -0.97 -3.84
CA THR A 332 -0.89 0.01 -4.15
C THR A 332 -1.49 1.40 -4.41
N HIS A 333 -2.69 1.43 -5.00
CA HIS A 333 -3.36 2.66 -5.39
C HIS A 333 -4.75 2.81 -4.81
N ARG A 334 -5.09 4.02 -4.42
CA ARG A 334 -6.36 4.34 -3.80
C ARG A 334 -6.88 5.59 -4.50
N PHE A 335 -8.11 5.49 -5.01
CA PHE A 335 -8.77 6.58 -5.73
C PHE A 335 -10.16 6.79 -5.18
N PRO A 336 -10.59 8.06 -5.09
CA PRO A 336 -11.99 8.32 -4.71
C PRO A 336 -12.90 7.94 -5.90
N LEU A 337 -14.17 7.64 -5.61
CA LEU A 337 -15.14 7.16 -6.64
C LEU A 337 -15.12 8.01 -7.90
N GLU A 338 -15.15 9.31 -7.68
CA GLU A 338 -15.25 10.29 -8.75
C GLU A 338 -14.09 10.17 -9.76
N ASP A 339 -12.94 9.67 -9.28
CA ASP A 339 -11.72 9.54 -10.10
C ASP A 339 -11.52 8.12 -10.69
N ALA A 340 -12.61 7.37 -10.80
CA ALA A 340 -12.61 6.01 -11.28
C ALA A 340 -11.88 5.74 -12.60
N LEU A 341 -11.91 6.67 -13.54
CA LEU A 341 -11.22 6.44 -14.80
C LEU A 341 -9.71 6.45 -14.61
N LYS A 342 -9.24 7.29 -13.69
CA LYS A 342 -7.85 7.23 -13.29
C LYS A 342 -7.57 5.84 -12.71
N ALA A 343 -8.44 5.36 -11.83
CA ALA A 343 -8.30 4.04 -11.24
C ALA A 343 -8.20 2.90 -12.28
N PHE A 344 -9.12 2.89 -13.24
CA PHE A 344 -9.15 1.84 -14.25
C PHE A 344 -7.97 1.94 -15.19
N GLU A 345 -7.53 3.17 -15.47
CA GLU A 345 -6.41 3.34 -16.36
C GLU A 345 -5.16 2.76 -15.76
N THR A 346 -4.96 3.05 -14.48
CA THR A 346 -3.78 2.58 -13.78
C THR A 346 -3.90 1.08 -13.54
N ALA A 347 -5.12 0.59 -13.31
CA ALA A 347 -5.34 -0.84 -13.08
C ALA A 347 -5.14 -1.69 -14.33
N SER A 348 -5.02 -1.05 -15.47
CA SER A 348 -4.94 -1.73 -16.76
C SER A 348 -3.57 -1.55 -17.39
N ASP A 349 -2.86 -0.49 -17.02
CA ASP A 349 -1.49 -0.29 -17.45
C ASP A 349 -0.56 -0.89 -16.40
N PRO A 350 0.20 -1.95 -16.77
CA PRO A 350 1.09 -2.58 -15.76
C PRO A 350 2.33 -1.73 -15.43
N LYS A 351 2.77 -0.91 -16.39
CA LYS A 351 3.84 0.11 -16.18
C LYS A 351 3.58 1.04 -14.98
N THR A 352 2.31 1.15 -14.60
CA THR A 352 1.87 1.83 -13.41
C THR A 352 2.56 1.38 -12.10
N GLY A 353 2.92 0.10 -12.05
CA GLY A 353 3.38 -0.54 -10.81
C GLY A 353 2.26 -0.95 -9.86
N ALA A 354 1.01 -0.79 -10.31
CA ALA A 354 -0.17 -1.15 -9.52
C ALA A 354 -0.25 -2.64 -9.31
N ILE A 355 -0.78 -3.04 -8.17
CA ILE A 355 -1.19 -4.40 -7.95
C ILE A 355 -2.72 -4.33 -7.81
N LYS A 356 -3.19 -4.10 -6.59
CA LYS A 356 -4.60 -3.93 -6.33
C LYS A 356 -4.97 -2.43 -6.19
N VAL A 357 -5.76 -1.93 -7.14
CA VAL A 357 -6.31 -0.58 -7.09
C VAL A 357 -7.65 -0.61 -6.37
N GLN A 358 -7.81 0.23 -5.37
CA GLN A 358 -9.10 0.40 -4.70
C GLN A 358 -9.79 1.75 -5.09
N ILE A 359 -11.10 1.71 -5.26
CA ILE A 359 -11.91 2.93 -5.44
C ILE A 359 -12.74 3.10 -4.16
N GLN A 360 -12.71 4.32 -3.58
CA GLN A 360 -13.26 4.53 -2.22
C GLN A 360 -14.38 5.57 -2.14
N SER A 361 -15.22 5.43 -1.13
CA SER A 361 -16.20 6.42 -0.76
C SER A 361 -16.15 6.59 0.75
N LEU A 362 -15.36 7.57 1.18
CA LEU A 362 -14.93 7.69 2.59
C LEU A 362 -16.04 8.03 3.57
N ALA B 5 15.91 8.61 -21.44
CA ALA B 5 16.64 9.48 -22.41
C ALA B 5 15.73 10.29 -23.36
N SER B 6 14.45 10.49 -22.99
CA SER B 6 13.42 11.08 -23.90
C SER B 6 12.54 12.30 -23.43
N LYS B 7 11.31 12.05 -22.97
CA LYS B 7 10.25 13.09 -22.79
C LYS B 7 10.49 14.26 -21.80
N THR B 8 9.78 15.36 -22.00
CA THR B 8 10.06 16.69 -21.39
C THR B 8 10.02 16.82 -19.87
N ASN B 9 11.01 17.53 -19.33
CA ASN B 9 11.10 17.84 -17.89
C ASN B 9 10.04 18.82 -17.43
N ILE B 10 9.45 18.51 -16.28
CA ILE B 10 8.44 19.35 -15.65
C ILE B 10 8.70 19.33 -14.14
N GLY B 11 8.02 20.19 -13.39
CA GLY B 11 8.21 20.26 -11.92
C GLY B 11 6.95 20.63 -11.18
N VAL B 12 7.03 20.69 -9.84
CA VAL B 12 5.89 21.00 -8.97
C VAL B 12 6.25 22.20 -8.09
N PHE B 13 5.48 23.28 -8.20
CA PHE B 13 5.87 24.60 -7.68
C PHE B 13 4.96 25.17 -6.59
N THR B 14 5.54 25.93 -5.67
CA THR B 14 4.79 26.66 -4.62
C THR B 14 5.17 28.16 -4.57
N ASN B 15 4.80 28.85 -3.47
CA ASN B 15 5.11 30.30 -3.21
C ASN B 15 4.57 30.85 -1.84
N PRO B 16 4.93 32.11 -1.44
CA PRO B 16 4.45 32.64 -0.14
C PRO B 16 2.96 33.04 -0.13
N GLN B 17 2.32 33.08 -1.30
CA GLN B 17 0.87 33.25 -1.37
C GLN B 17 0.16 32.04 -0.74
N HIS B 18 0.69 30.84 -1.01
CA HIS B 18 0.11 29.54 -0.64
C HIS B 18 -0.48 28.79 -1.87
N ASP B 19 0.22 28.86 -2.99
CA ASP B 19 -0.23 28.29 -4.28
C ASP B 19 0.58 27.04 -4.68
N LEU B 20 0.18 26.36 -5.77
CA LEU B 20 0.76 25.05 -6.14
C LEU B 20 0.45 24.60 -7.58
N TRP B 21 1.49 24.33 -8.39
CA TRP B 21 1.24 24.00 -9.81
C TRP B 21 2.28 23.15 -10.54
N ILE B 22 1.79 22.33 -11.46
CA ILE B 22 2.62 21.65 -12.45
C ILE B 22 3.17 22.69 -13.42
N SER B 23 4.32 22.41 -14.04
CA SER B 23 5.01 23.40 -14.88
C SER B 23 6.31 22.85 -15.44
N GLU B 24 6.99 23.65 -16.26
CA GLU B 24 8.29 23.31 -16.85
C GLU B 24 9.44 23.90 -15.99
N ALA B 25 10.53 23.14 -15.81
CA ALA B 25 11.61 23.55 -14.86
C ALA B 25 13.00 22.96 -15.13
N SER B 26 14.03 23.60 -14.56
CA SER B 26 15.43 23.23 -14.75
C SER B 26 15.78 21.90 -14.11
N PRO B 27 16.61 21.08 -14.79
CA PRO B 27 17.35 21.28 -16.05
C PRO B 27 16.49 21.25 -17.31
N SER B 28 17.13 21.48 -18.45
CA SER B 28 16.50 21.36 -19.76
C SER B 28 16.56 19.93 -20.23
N LEU B 29 15.55 19.51 -20.96
CA LEU B 29 15.57 18.23 -21.68
C LEU B 29 16.76 18.22 -22.65
N GLU B 30 17.00 19.36 -23.29
CA GLU B 30 18.14 19.56 -24.16
C GLU B 30 19.44 19.65 -23.37
N SER B 31 19.36 20.26 -22.17
CA SER B 31 20.51 20.40 -21.28
C SER B 31 20.79 19.12 -20.48
N VAL B 32 19.88 18.14 -20.57
CA VAL B 32 20.11 16.81 -20.02
C VAL B 32 20.89 15.95 -21.03
N GLN B 33 20.50 16.03 -22.30
CA GLN B 33 21.07 15.19 -23.36
C GLN B 33 22.51 15.55 -23.76
N LYS B 34 22.96 16.75 -23.41
CA LYS B 34 24.35 17.15 -23.62
C LYS B 34 25.22 17.00 -22.35
N GLY B 35 24.70 17.47 -21.21
CA GLY B 35 25.46 17.49 -19.98
C GLY B 35 26.26 18.78 -19.88
N GLU B 36 25.65 19.87 -20.34
CA GLU B 36 26.25 21.20 -20.25
C GLU B 36 25.90 21.92 -18.92
N GLU B 37 25.31 21.17 -18.00
CA GLU B 37 24.91 21.73 -16.71
C GLU B 37 25.37 20.86 -15.52
N LEU B 38 26.34 19.99 -15.78
CA LEU B 38 26.88 19.12 -14.73
C LEU B 38 28.22 19.61 -14.17
N LYS B 39 28.16 20.24 -13.00
CA LYS B 39 29.36 20.76 -12.34
C LYS B 39 30.24 19.64 -11.77
N GLU B 40 30.98 19.94 -10.70
CA GLU B 40 31.96 19.00 -10.15
C GLU B 40 31.33 17.85 -9.37
N GLY B 41 31.54 16.62 -9.87
CA GLY B 41 31.02 15.41 -9.22
C GLY B 41 29.51 15.32 -9.14
N GLU B 42 28.82 15.96 -10.09
CA GLU B 42 27.37 15.91 -10.17
C GLU B 42 26.90 14.72 -11.02
N VAL B 43 25.63 14.36 -10.85
CA VAL B 43 24.97 13.41 -11.74
C VAL B 43 23.58 13.97 -12.06
N THR B 44 22.94 13.37 -13.06
CA THR B 44 21.54 13.67 -13.35
C THR B 44 20.69 12.43 -13.10
N VAL B 45 19.71 12.62 -12.21
CA VAL B 45 18.88 11.54 -11.74
C VAL B 45 17.46 11.75 -12.25
N ALA B 46 16.95 10.78 -13.01
CA ALA B 46 15.53 10.74 -13.33
C ALA B 46 14.81 10.31 -12.06
N VAL B 47 14.08 11.25 -11.48
CA VAL B 47 13.36 11.00 -10.24
C VAL B 47 12.23 10.02 -10.51
N ARG B 48 12.23 8.92 -9.77
CA ARG B 48 11.22 7.92 -9.95
C ARG B 48 10.09 7.98 -8.93
N SER B 49 10.38 8.42 -7.72
CA SER B 49 9.38 8.41 -6.67
C SER B 49 9.69 9.42 -5.60
N THR B 50 8.71 10.22 -5.22
CA THR B 50 8.91 11.18 -4.14
C THR B 50 7.76 11.15 -3.17
N GLY B 51 8.08 10.98 -1.90
CA GLY B 51 7.06 11.03 -0.87
C GLY B 51 6.73 12.46 -0.52
N ILE B 52 5.49 12.70 -0.12
CA ILE B 52 5.06 14.00 0.31
C ILE B 52 5.23 14.06 1.80
N CYS B 53 5.68 15.22 2.30
CA CYS B 53 5.90 15.40 3.70
C CYS B 53 5.01 16.50 4.26
N GLY B 54 4.63 16.39 5.53
CA GLY B 54 3.92 17.46 6.24
C GLY B 54 4.59 18.81 5.98
N SER B 55 5.91 18.80 6.11
CA SER B 55 6.80 19.87 5.67
C SER B 55 6.43 20.47 4.32
N ASP B 56 6.27 19.62 3.30
CA ASP B 56 5.88 20.08 1.95
C ASP B 56 4.47 20.70 1.96
N VAL B 57 3.58 20.17 2.80
CA VAL B 57 2.21 20.66 2.95
C VAL B 57 2.21 21.98 3.71
N HIS B 58 2.99 22.02 4.80
CA HIS B 58 3.13 23.21 5.63
C HIS B 58 3.68 24.39 4.80
N PHE B 59 4.67 24.13 3.94
CA PHE B 59 5.27 25.14 3.05
C PHE B 59 4.29 25.65 1.98
N TRP B 60 3.07 25.15 2.02
CA TRP B 60 2.04 25.47 1.03
C TRP B 60 0.84 26.04 1.80
N LYS B 61 0.62 25.54 3.02
CA LYS B 61 -0.46 25.99 3.94
C LYS B 61 -0.08 27.16 4.88
N HIS B 62 1.22 27.31 5.16
CA HIS B 62 1.70 28.31 6.12
C HIS B 62 2.90 29.12 5.63
N GLY B 63 4.09 28.53 5.61
CA GLY B 63 5.25 29.21 5.02
C GLY B 63 6.65 29.03 5.61
N CYS B 64 6.80 28.07 6.53
CA CYS B 64 8.09 27.78 7.18
C CYS B 64 7.98 26.71 8.26
N ILE B 65 8.88 26.80 9.24
CA ILE B 65 8.71 26.20 10.56
C ILE B 65 9.30 27.13 11.63
N GLY B 66 10.51 27.63 11.35
CA GLY B 66 11.16 28.67 12.17
C GLY B 66 11.99 29.57 11.26
N PRO B 67 13.31 29.40 11.28
CA PRO B 67 14.26 30.08 10.37
C PRO B 67 13.95 30.01 8.83
N MET B 68 13.76 28.79 8.30
CA MET B 68 13.51 28.55 6.85
C MET B 68 12.15 29.09 6.43
N ILE B 69 12.16 30.02 5.47
CA ILE B 69 10.99 30.83 5.14
C ILE B 69 10.78 30.85 3.62
N VAL B 70 9.52 30.84 3.19
CA VAL B 70 9.20 30.86 1.75
C VAL B 70 9.67 32.15 1.11
N GLU B 71 10.29 32.02 -0.06
CA GLU B 71 10.51 33.16 -0.94
C GLU B 71 10.27 32.73 -2.37
N CYS B 72 8.99 32.57 -2.69
CA CYS B 72 8.47 32.39 -4.07
C CYS B 72 8.80 31.12 -4.88
N ASP B 73 9.09 31.32 -6.18
CA ASP B 73 8.98 30.28 -7.23
C ASP B 73 9.77 28.98 -6.93
N HIS B 74 9.11 28.02 -6.30
CA HIS B 74 9.79 26.95 -5.56
C HIS B 74 9.34 25.49 -5.82
N VAL B 75 10.28 24.66 -6.29
CA VAL B 75 10.09 23.21 -6.35
C VAL B 75 10.12 22.59 -4.95
N LEU B 76 9.10 21.80 -4.63
CA LEU B 76 9.07 21.05 -3.37
C LEU B 76 9.64 19.62 -3.48
N GLY B 77 9.57 18.88 -2.38
CA GLY B 77 9.93 17.46 -2.35
C GLY B 77 11.35 17.19 -1.92
N HIS B 78 11.51 16.29 -0.96
CA HIS B 78 12.82 15.86 -0.45
C HIS B 78 12.89 14.37 -0.03
N GLU B 79 11.89 13.58 -0.40
CA GLU B 79 11.91 12.14 -0.13
C GLU B 79 11.93 11.39 -1.45
N SER B 80 13.10 11.20 -2.03
CA SER B 80 13.18 10.76 -3.40
C SER B 80 14.21 9.70 -3.68
N ALA B 81 13.92 8.96 -4.75
CA ALA B 81 14.80 7.94 -5.31
C ALA B 81 14.50 7.87 -6.80
N GLY B 82 15.51 7.54 -7.59
CA GLY B 82 15.34 7.50 -9.02
C GLY B 82 16.52 6.89 -9.72
N GLU B 83 16.57 7.07 -11.04
CA GLU B 83 17.60 6.45 -11.85
C GLU B 83 18.61 7.45 -12.40
N VAL B 84 19.89 7.10 -12.22
CA VAL B 84 21.01 7.83 -12.78
C VAL B 84 21.04 7.65 -14.30
N ILE B 85 20.82 8.74 -15.04
CA ILE B 85 20.80 8.68 -16.50
C ILE B 85 22.07 9.24 -17.17
N ALA B 86 22.64 10.31 -16.59
CA ALA B 86 23.88 10.91 -17.11
C ALA B 86 24.82 11.36 -15.99
N VAL B 87 26.03 10.82 -16.00
CA VAL B 87 27.06 11.09 -15.02
C VAL B 87 28.07 12.09 -15.59
N HIS B 88 28.44 13.11 -14.80
CA HIS B 88 29.58 13.98 -15.16
C HIS B 88 30.88 13.17 -15.05
N PRO B 89 31.75 13.29 -16.08
CA PRO B 89 32.98 12.49 -16.23
C PRO B 89 33.87 12.32 -14.98
N SER B 90 33.73 13.24 -14.00
CA SER B 90 34.56 13.19 -12.77
C SER B 90 34.24 12.08 -11.76
N VAL B 91 33.04 11.51 -11.84
CA VAL B 91 32.54 10.58 -10.80
C VAL B 91 32.84 9.10 -11.07
N LYS B 92 33.39 8.40 -10.09
CA LYS B 92 33.61 6.96 -10.22
C LYS B 92 32.75 6.22 -9.20
N SER B 93 32.05 7.00 -8.36
CA SER B 93 31.17 6.48 -7.33
C SER B 93 29.94 5.79 -7.93
N ILE B 94 29.31 6.45 -8.88
CA ILE B 94 28.01 6.05 -9.43
C ILE B 94 28.08 5.99 -10.94
N LYS B 95 27.48 4.95 -11.52
CA LYS B 95 27.44 4.79 -12.97
C LYS B 95 26.01 4.78 -13.54
N VAL B 96 25.88 5.09 -14.82
CA VAL B 96 24.58 5.21 -15.48
C VAL B 96 23.68 3.99 -15.31
N GLY B 97 22.43 4.23 -14.92
CA GLY B 97 21.43 3.18 -14.78
C GLY B 97 21.34 2.62 -13.37
N ASP B 98 22.22 3.08 -12.49
CA ASP B 98 22.15 2.76 -11.07
C ASP B 98 20.86 3.33 -10.44
N ARG B 99 20.27 2.57 -9.53
CA ARG B 99 19.17 3.08 -8.70
C ARG B 99 19.76 3.75 -7.46
N VAL B 100 19.30 4.97 -7.19
CA VAL B 100 19.80 5.73 -6.06
C VAL B 100 18.67 6.32 -5.27
N ALA B 101 18.83 6.30 -3.95
CA ALA B 101 18.04 7.14 -3.05
C ALA B 101 18.80 8.45 -2.84
N ILE B 102 18.11 9.58 -3.02
CA ILE B 102 18.73 10.89 -2.91
C ILE B 102 18.75 11.41 -1.47
N GLU B 103 19.94 11.72 -0.94
CA GLU B 103 20.03 12.45 0.31
C GLU B 103 19.93 13.92 -0.04
N PRO B 104 18.85 14.59 0.41
CA PRO B 104 18.52 15.94 -0.05
C PRO B 104 19.28 17.04 0.72
N GLN B 105 20.60 16.93 0.74
CA GLN B 105 21.43 17.69 1.66
C GLN B 105 22.85 17.82 1.10
N VAL B 106 23.18 19.02 0.66
CA VAL B 106 24.52 19.33 0.16
C VAL B 106 25.40 19.99 1.24
N ILE B 107 26.50 19.30 1.53
CA ILE B 107 27.41 19.61 2.60
C ILE B 107 28.52 20.56 2.10
N CYS B 108 29.02 21.43 3.00
CA CYS B 108 30.15 22.30 2.68
C CYS B 108 31.54 21.68 2.96
N ASN B 109 31.62 20.80 3.97
CA ASN B 109 32.87 20.13 4.40
C ASN B 109 33.92 21.02 5.13
N ALA B 110 33.56 22.27 5.45
CA ALA B 110 34.50 23.23 6.02
C ALA B 110 34.19 23.73 7.44
N CYS B 111 32.94 23.59 7.88
CA CYS B 111 32.49 24.07 9.20
C CYS B 111 32.54 22.97 10.28
N GLU B 112 32.43 23.37 11.55
CA GLU B 112 32.63 22.43 12.68
C GLU B 112 31.60 21.28 12.71
N PRO B 113 30.29 21.58 12.53
CA PRO B 113 29.33 20.49 12.37
C PRO B 113 29.69 19.46 11.29
N CYS B 114 30.12 19.91 10.10
CA CYS B 114 30.55 19.01 9.01
C CYS B 114 31.69 18.08 9.37
N LEU B 115 32.81 18.69 9.76
CA LEU B 115 34.04 18.01 10.19
C LEU B 115 33.91 17.12 11.44
N THR B 116 33.00 17.47 12.37
CA THR B 116 32.74 16.61 13.55
C THR B 116 31.72 15.47 13.31
N GLY B 117 31.17 15.41 12.10
CA GLY B 117 30.21 14.36 11.75
C GLY B 117 28.75 14.77 11.82
N ARG B 118 28.42 15.74 12.67
CA ARG B 118 27.04 16.25 12.81
C ARG B 118 26.65 17.14 11.62
N TYR B 119 26.96 16.70 10.40
CA TYR B 119 26.72 17.49 9.19
C TYR B 119 25.25 17.86 8.88
N ASN B 120 24.30 17.42 9.70
CA ASN B 120 22.94 17.98 9.60
C ASN B 120 22.88 19.44 10.07
N GLY B 121 23.97 19.89 10.70
CA GLY B 121 24.06 21.26 11.22
C GLY B 121 25.03 22.14 10.46
N CYS B 122 25.46 21.67 9.30
CA CYS B 122 26.26 22.46 8.37
C CYS B 122 25.73 23.89 8.26
N GLU B 123 26.64 24.86 8.43
CA GLU B 123 26.27 26.28 8.42
C GLU B 123 25.92 26.80 7.03
N ARG B 124 26.40 26.12 6.00
CA ARG B 124 26.16 26.50 4.60
C ARG B 124 25.36 25.41 3.85
N VAL B 125 24.40 24.82 4.55
CA VAL B 125 23.70 23.64 4.05
C VAL B 125 22.60 23.95 3.03
N ASP B 126 22.77 23.38 1.84
CA ASP B 126 21.75 23.37 0.79
C ASP B 126 20.83 22.15 0.94
N PHE B 127 19.63 22.37 1.48
CA PHE B 127 18.62 21.32 1.67
C PHE B 127 17.51 21.43 0.60
N LEU B 128 17.40 20.39 -0.23
CA LEU B 128 16.62 20.47 -1.49
C LEU B 128 15.12 20.75 -1.41
N SER B 129 14.50 20.56 -0.25
CA SER B 129 13.13 21.06 -0.10
C SER B 129 13.10 22.52 0.39
N THR B 130 14.10 22.91 1.18
CA THR B 130 14.14 24.26 1.79
C THR B 130 14.49 25.36 0.78
N PRO B 131 13.71 26.45 0.79
CA PRO B 131 13.93 27.60 -0.12
C PRO B 131 15.20 28.40 0.21
N PRO B 132 15.90 28.92 -0.84
CA PRO B 132 15.53 28.91 -2.27
C PRO B 132 16.12 27.76 -3.09
N VAL B 133 16.18 26.55 -2.51
CA VAL B 133 16.74 25.37 -3.17
C VAL B 133 15.65 24.56 -3.89
N PRO B 134 15.74 24.47 -5.25
CA PRO B 134 14.86 23.60 -6.06
C PRO B 134 14.79 22.16 -5.52
N GLY B 135 13.56 21.74 -5.16
CA GLY B 135 13.31 20.45 -4.53
C GLY B 135 13.34 19.29 -5.50
N LEU B 136 12.81 18.16 -5.06
CA LEU B 136 12.93 16.90 -5.81
C LEU B 136 11.73 16.50 -6.67
N LEU B 137 10.58 17.16 -6.50
CA LEU B 137 9.42 16.90 -7.35
C LEU B 137 9.63 17.44 -8.76
N ARG B 138 10.53 16.78 -9.51
CA ARG B 138 10.81 17.07 -10.92
C ARG B 138 10.96 15.75 -11.68
N ARG B 139 11.07 15.79 -13.01
CA ARG B 139 11.39 14.57 -13.74
C ARG B 139 12.88 14.29 -13.69
N TYR B 140 13.66 15.36 -13.68
CA TYR B 140 15.11 15.26 -13.64
C TYR B 140 15.66 16.20 -12.59
N VAL B 141 16.78 15.80 -11.99
CA VAL B 141 17.50 16.65 -11.06
C VAL B 141 19.01 16.49 -11.20
N ASN B 142 19.71 17.56 -10.86
CA ASN B 142 21.16 17.58 -10.78
C ASN B 142 21.55 17.54 -9.33
N HIS B 143 22.38 16.58 -8.99
CA HIS B 143 22.77 16.35 -7.61
C HIS B 143 24.20 15.84 -7.55
N PRO B 144 24.96 16.26 -6.53
CA PRO B 144 26.29 15.70 -6.33
C PRO B 144 26.21 14.20 -6.12
N ALA B 145 27.09 13.44 -6.74
CA ALA B 145 27.02 11.99 -6.66
C ALA B 145 27.26 11.43 -5.26
N VAL B 146 28.00 12.16 -4.43
CA VAL B 146 28.25 11.73 -3.05
C VAL B 146 26.99 11.78 -2.18
N TRP B 147 25.94 12.40 -2.69
CA TRP B 147 24.64 12.43 -2.02
C TRP B 147 23.51 11.62 -2.73
N CYS B 148 23.93 10.72 -3.63
CA CYS B 148 23.05 9.68 -4.17
C CYS B 148 23.55 8.34 -3.69
N HIS B 149 22.71 7.63 -2.94
CA HIS B 149 23.13 6.36 -2.38
C HIS B 149 22.59 5.22 -3.23
N LYS B 150 23.51 4.41 -3.76
CA LYS B 150 23.18 3.22 -4.53
C LYS B 150 22.24 2.35 -3.70
N ILE B 151 21.13 1.91 -4.30
CA ILE B 151 20.18 0.99 -3.64
C ILE B 151 19.95 -0.35 -4.38
N GLY B 152 20.74 -0.62 -5.42
CA GLY B 152 20.68 -1.88 -6.11
C GLY B 152 19.29 -2.12 -6.68
N ASN B 153 18.67 -3.22 -6.25
CA ASN B 153 17.41 -3.70 -6.82
C ASN B 153 16.22 -3.23 -6.05
N MET B 154 16.48 -2.53 -4.96
CA MET B 154 15.44 -2.03 -4.09
C MET B 154 14.42 -1.22 -4.90
N SER B 155 13.16 -1.27 -4.48
CA SER B 155 12.11 -0.54 -5.17
C SER B 155 12.27 0.95 -4.90
N TYR B 156 11.75 1.76 -5.82
CA TYR B 156 11.75 3.20 -5.68
C TYR B 156 10.88 3.66 -4.51
N GLU B 157 9.75 3.01 -4.27
CA GLU B 157 8.93 3.40 -3.13
C GLU B 157 9.67 3.19 -1.82
N ASN B 158 10.40 2.09 -1.71
CA ASN B 158 11.37 1.90 -0.61
C ASN B 158 12.50 2.94 -0.61
N GLY B 159 13.07 3.21 -1.77
CA GLY B 159 14.13 4.19 -1.91
C GLY B 159 13.75 5.59 -1.43
N ALA B 160 12.48 5.95 -1.64
CA ALA B 160 11.99 7.25 -1.27
C ALA B 160 11.71 7.28 0.23
N MET B 161 11.33 6.13 0.80
CA MET B 161 11.11 6.06 2.25
C MET B 161 12.43 6.03 3.03
N LEU B 162 13.56 5.91 2.36
CA LEU B 162 14.82 5.96 3.07
C LEU B 162 15.02 7.28 3.80
N GLU B 163 14.47 8.36 3.26
CA GLU B 163 14.54 9.66 3.88
C GLU B 163 13.82 9.63 5.23
N PRO B 164 12.49 9.33 5.24
CA PRO B 164 11.91 9.29 6.56
C PRO B 164 12.52 8.22 7.45
N LEU B 165 12.90 7.05 6.90
CA LEU B 165 13.56 6.02 7.74
C LEU B 165 14.80 6.58 8.42
N SER B 166 15.59 7.35 7.66
CA SER B 166 16.75 8.07 8.19
C SER B 166 16.38 8.98 9.36
N VAL B 167 15.25 9.68 9.24
CA VAL B 167 14.80 10.55 10.32
C VAL B 167 14.68 9.75 11.61
N ALA B 168 13.95 8.65 11.56
CA ALA B 168 13.71 7.82 12.76
C ALA B 168 14.96 7.12 13.30
N LEU B 169 15.87 6.73 12.41
CA LEU B 169 17.11 6.11 12.84
C LEU B 169 18.01 7.10 13.55
N ALA B 170 18.20 8.26 12.93
CA ALA B 170 18.94 9.35 13.55
C ALA B 170 18.37 9.59 14.93
N GLY B 171 17.04 9.54 15.05
CA GLY B 171 16.38 9.76 16.34
C GLY B 171 16.67 8.68 17.36
N LEU B 172 16.46 7.42 16.97
CA LEU B 172 16.77 6.26 17.82
C LEU B 172 18.22 6.24 18.27
N GLN B 173 19.11 6.59 17.37
CA GLN B 173 20.52 6.60 17.69
C GLN B 173 20.87 7.57 18.81
N ARG B 174 20.50 8.83 18.65
CA ARG B 174 20.78 9.83 19.70
C ARG B 174 19.97 9.59 20.95
N ALA B 175 18.76 9.07 20.80
CA ALA B 175 17.94 8.78 21.97
C ALA B 175 18.55 7.62 22.75
N GLY B 176 19.26 6.74 22.04
CA GLY B 176 19.98 5.66 22.67
C GLY B 176 19.18 4.43 23.06
N VAL B 177 18.22 4.04 22.22
CA VAL B 177 17.38 2.85 22.45
C VAL B 177 18.18 1.57 22.37
N ARG B 178 17.96 0.67 23.30
CA ARG B 178 18.58 -0.65 23.17
C ARG B 178 17.68 -1.85 23.46
N LEU B 179 18.16 -2.99 22.98
CA LEU B 179 17.53 -4.26 23.16
C LEU B 179 17.05 -4.34 24.60
N GLY B 180 15.74 -4.50 24.78
CA GLY B 180 15.17 -4.69 26.10
C GLY B 180 14.51 -3.45 26.69
N ASP B 181 14.80 -2.28 26.11
CA ASP B 181 14.25 -1.03 26.63
C ASP B 181 12.75 -0.93 26.43
N PRO B 182 12.00 -0.63 27.49
CA PRO B 182 10.60 -0.19 27.32
C PRO B 182 10.59 1.15 26.56
N VAL B 183 9.91 1.22 25.42
CA VAL B 183 9.90 2.44 24.61
C VAL B 183 8.48 2.93 24.37
N LEU B 184 8.29 4.22 24.55
CA LEU B 184 7.04 4.88 24.27
C LEU B 184 7.23 5.67 23.00
N ILE B 185 6.31 5.50 22.06
CA ILE B 185 6.22 6.36 20.88
C ILE B 185 4.98 7.23 21.01
N CYS B 186 5.12 8.48 20.61
CA CYS B 186 4.02 9.44 20.66
C CYS B 186 3.78 9.89 19.25
N GLY B 187 2.53 9.73 18.83
CA GLY B 187 2.11 9.98 17.46
C GLY B 187 2.22 8.75 16.57
N ALA B 188 1.28 8.63 15.64
CA ALA B 188 1.22 7.51 14.73
C ALA B 188 1.06 7.99 13.30
N GLY B 189 1.61 9.17 13.00
CA GLY B 189 1.78 9.60 11.61
C GLY B 189 2.90 8.80 10.96
N PRO B 190 3.27 9.14 9.74
CA PRO B 190 4.32 8.32 9.14
C PRO B 190 5.59 8.24 10.00
N ILE B 191 5.90 9.30 10.74
CA ILE B 191 7.11 9.31 11.55
C ILE B 191 6.98 8.44 12.80
N GLY B 192 5.86 8.52 13.50
CA GLY B 192 5.65 7.67 14.65
C GLY B 192 5.71 6.19 14.25
N LEU B 193 5.22 5.89 13.05
CA LEU B 193 5.04 4.51 12.65
C LEU B 193 6.38 3.95 12.33
N ILE B 194 7.16 4.71 11.57
CA ILE B 194 8.51 4.27 11.23
C ILE B 194 9.33 4.08 12.48
N THR B 195 9.09 4.94 13.46
CA THR B 195 9.88 4.97 14.66
C THR B 195 9.53 3.71 15.42
N MET B 196 8.25 3.36 15.36
CA MET B 196 7.73 2.17 16.00
C MET B 196 8.31 0.93 15.34
N LEU B 197 8.29 0.88 14.02
CA LEU B 197 8.86 -0.25 13.33
C LEU B 197 10.33 -0.39 13.67
N CYS B 198 11.01 0.73 13.89
CA CYS B 198 12.43 0.74 14.23
C CYS B 198 12.67 0.23 15.65
N ALA B 199 11.93 0.80 16.59
CA ALA B 199 12.01 0.39 17.97
C ALA B 199 11.78 -1.12 18.10
N LYS B 200 10.76 -1.63 17.41
CA LYS B 200 10.44 -3.04 17.41
C LYS B 200 11.55 -3.85 16.70
N ALA B 201 12.16 -3.34 15.65
CA ALA B 201 13.31 -4.06 15.08
C ALA B 201 14.53 -4.07 16.05
N ALA B 202 14.54 -3.12 17.00
CA ALA B 202 15.66 -2.94 17.92
C ALA B 202 15.54 -3.77 19.19
N GLY B 203 14.45 -4.52 19.30
CA GLY B 203 14.25 -5.36 20.46
C GLY B 203 13.67 -4.59 21.61
N ALA B 204 13.08 -3.43 21.34
CA ALA B 204 12.42 -2.73 22.43
C ALA B 204 11.25 -3.57 22.90
N CYS B 205 11.03 -3.62 24.21
CA CYS B 205 9.82 -4.22 24.73
C CYS B 205 9.62 -3.79 26.17
N PRO B 206 8.36 -3.53 26.55
CA PRO B 206 7.24 -3.41 25.62
C PRO B 206 7.29 -2.12 24.78
N LEU B 207 6.38 -2.05 23.82
CA LEU B 207 6.28 -0.95 22.87
C LEU B 207 4.91 -0.32 23.04
N VAL B 208 4.85 0.99 23.25
CA VAL B 208 3.57 1.66 23.33
C VAL B 208 3.55 2.84 22.34
N ILE B 209 2.53 2.93 21.51
CA ILE B 209 2.36 4.06 20.60
C ILE B 209 1.08 4.72 20.99
N THR B 210 1.09 6.05 21.00
CA THR B 210 -0.08 6.80 21.34
C THR B 210 -0.48 7.62 20.15
N ASP B 211 -1.79 7.87 20.07
CA ASP B 211 -2.35 8.81 19.14
C ASP B 211 -3.74 9.21 19.61
N ILE B 212 -4.19 10.29 19.00
CA ILE B 212 -5.48 10.92 19.21
C ILE B 212 -6.50 10.22 18.28
N ASP B 213 -6.00 9.83 17.11
CA ASP B 213 -6.77 9.27 16.02
C ASP B 213 -6.77 7.73 16.13
N GLU B 214 -7.94 7.14 16.39
CA GLU B 214 -8.07 5.66 16.48
C GLU B 214 -7.73 4.94 15.17
N GLY B 215 -7.98 5.61 14.05
CA GLY B 215 -7.65 5.08 12.74
C GLY B 215 -6.18 4.72 12.65
N ARG B 216 -5.31 5.69 12.90
CA ARG B 216 -3.84 5.50 12.86
C ARG B 216 -3.36 4.47 13.89
N LEU B 217 -3.99 4.45 15.05
CA LEU B 217 -3.71 3.40 16.03
C LEU B 217 -4.04 2.02 15.49
N LYS B 218 -5.17 1.93 14.80
CA LYS B 218 -5.64 0.65 14.27
C LYS B 218 -4.63 0.16 13.22
N PHE B 219 -4.26 1.04 12.30
CA PHE B 219 -3.19 0.76 11.37
C PHE B 219 -1.86 0.31 12.04
N ALA B 220 -1.37 1.12 12.98
CA ALA B 220 -0.16 0.82 13.75
C ALA B 220 -0.13 -0.65 14.19
N LYS B 221 -1.19 -1.10 14.85
CA LYS B 221 -1.27 -2.49 15.31
C LYS B 221 -1.22 -3.51 14.17
N GLU B 222 -1.83 -3.20 13.03
CA GLU B 222 -1.78 -4.13 11.94
C GLU B 222 -0.34 -4.36 11.52
N ILE B 223 0.42 -3.29 11.34
CA ILE B 223 1.77 -3.41 10.79
C ILE B 223 2.80 -3.87 11.84
N CYS B 224 2.45 -3.65 13.10
CA CYS B 224 3.26 -4.07 14.25
C CYS B 224 2.33 -4.57 15.36
N PRO B 225 1.92 -5.86 15.28
CA PRO B 225 0.98 -6.53 16.19
C PRO B 225 1.45 -6.56 17.62
N GLU B 226 2.75 -6.43 17.81
CA GLU B 226 3.36 -6.49 19.13
C GLU B 226 3.17 -5.18 19.92
N VAL B 227 2.96 -4.06 19.23
CA VAL B 227 2.74 -2.78 19.90
C VAL B 227 1.48 -2.81 20.72
N VAL B 228 1.47 -2.03 21.80
CA VAL B 228 0.24 -1.67 22.48
C VAL B 228 -0.13 -0.27 22.03
N THR B 229 -1.41 -0.08 21.76
CA THR B 229 -1.88 1.22 21.33
C THR B 229 -2.53 1.90 22.53
N HIS B 230 -2.49 3.23 22.55
CA HIS B 230 -3.07 3.98 23.64
C HIS B 230 -3.70 5.21 23.02
N LYS B 231 -5.00 5.36 23.19
CA LYS B 231 -5.73 6.51 22.64
C LYS B 231 -5.57 7.62 23.66
N VAL B 232 -5.24 8.83 23.21
CA VAL B 232 -5.04 9.90 24.21
C VAL B 232 -6.34 10.62 24.52
N GLU B 233 -6.72 10.56 25.79
CA GLU B 233 -7.91 11.23 26.28
C GLU B 233 -7.51 12.55 26.94
N ARG B 234 -8.31 13.61 26.76
CA ARG B 234 -8.01 14.92 27.37
C ARG B 234 -7.87 14.90 28.90
N LEU B 235 -6.74 14.40 29.38
CA LEU B 235 -6.37 14.38 30.80
C LEU B 235 -5.14 15.29 31.05
N SER B 236 -4.81 15.53 32.32
CA SER B 236 -3.58 16.24 32.67
C SER B 236 -2.35 15.36 32.36
N ALA B 237 -1.23 16.01 32.04
CA ALA B 237 0.04 15.31 31.85
C ALA B 237 0.27 14.21 32.90
N GLU B 238 0.09 14.53 34.19
CA GLU B 238 0.31 13.50 35.19
C GLU B 238 -0.64 12.31 35.02
N GLU B 239 -1.91 12.60 34.73
CA GLU B 239 -2.90 11.51 34.58
C GLU B 239 -2.68 10.66 33.32
N SER B 240 -2.48 11.30 32.15
CA SER B 240 -2.06 10.57 30.94
C SER B 240 -0.84 9.66 31.15
N ALA B 241 0.07 10.05 32.03
CA ALA B 241 1.26 9.25 32.26
C ALA B 241 0.90 8.01 33.00
N LYS B 242 0.03 8.14 34.00
CA LYS B 242 -0.41 6.99 34.81
C LYS B 242 -1.09 5.95 33.93
N LYS B 243 -1.90 6.43 33.00
CA LYS B 243 -2.54 5.59 31.98
C LYS B 243 -1.51 4.96 31.06
N ILE B 244 -0.60 5.79 30.53
CA ILE B 244 0.48 5.28 29.68
C ILE B 244 1.22 4.14 30.39
N VAL B 245 1.63 4.40 31.62
CA VAL B 245 2.35 3.39 32.41
C VAL B 245 1.54 2.09 32.53
N GLU B 246 0.22 2.21 32.66
CA GLU B 246 -0.67 1.04 32.65
C GLU B 246 -0.49 0.17 31.40
N SER B 247 -0.61 0.78 30.21
CA SER B 247 -0.36 0.09 28.95
C SER B 247 0.98 -0.62 28.89
N PHE B 248 1.95 -0.17 29.69
CA PHE B 248 3.28 -0.80 29.75
C PHE B 248 3.31 -1.99 30.70
N GLY B 249 2.15 -2.43 31.20
CA GLY B 249 2.09 -3.33 32.36
C GLY B 249 2.38 -2.39 33.51
N GLY B 250 3.17 -2.80 34.48
CA GLY B 250 3.64 -1.82 35.50
C GLY B 250 4.81 -0.88 35.16
N ILE B 251 5.51 -1.11 34.04
CA ILE B 251 6.80 -0.47 33.75
C ILE B 251 6.74 0.97 33.23
N GLU B 252 7.67 1.81 33.68
CA GLU B 252 7.81 3.17 33.16
C GLU B 252 8.75 3.11 31.95
N PRO B 253 8.40 3.77 30.84
CA PRO B 253 9.29 3.67 29.68
C PRO B 253 10.69 4.24 29.94
N ALA B 254 11.72 3.66 29.32
CA ALA B 254 13.08 4.20 29.41
C ALA B 254 13.26 5.38 28.49
N VAL B 255 12.52 5.40 27.38
CA VAL B 255 12.71 6.39 26.35
C VAL B 255 11.38 6.71 25.72
N ALA B 256 11.12 7.98 25.50
CA ALA B 256 9.92 8.40 24.79
C ALA B 256 10.39 9.03 23.51
N LEU B 257 9.93 8.50 22.39
CA LEU B 257 10.18 9.14 21.12
C LEU B 257 8.91 9.92 20.74
N GLU B 258 9.05 11.24 20.61
CA GLU B 258 7.93 12.14 20.44
C GLU B 258 7.76 12.59 18.99
N CYS B 259 6.66 12.19 18.35
CA CYS B 259 6.51 12.45 16.91
C CYS B 259 5.24 13.23 16.57
N THR B 260 4.84 14.09 17.49
CA THR B 260 3.70 14.96 17.25
C THR B 260 4.14 16.42 17.33
N GLY B 261 5.13 16.70 18.18
CA GLY B 261 5.59 18.07 18.43
C GLY B 261 4.59 18.91 19.23
N VAL B 262 3.68 18.23 19.91
CA VAL B 262 2.53 18.85 20.55
C VAL B 262 2.79 18.90 22.05
N GLU B 263 2.63 20.10 22.61
CA GLU B 263 2.96 20.41 23.99
C GLU B 263 2.51 19.36 25.00
N SER B 264 1.22 19.05 25.03
CA SER B 264 0.70 18.14 26.05
C SER B 264 1.20 16.69 25.90
N SER B 265 1.59 16.31 24.68
CA SER B 265 2.13 14.98 24.42
C SER B 265 3.53 14.92 25.00
N ILE B 266 4.30 15.99 24.76
CA ILE B 266 5.61 16.19 25.38
C ILE B 266 5.51 16.21 26.91
N ALA B 267 4.56 16.98 27.44
CA ALA B 267 4.41 17.05 28.89
C ALA B 267 4.17 15.65 29.45
N ALA B 268 3.19 14.94 28.90
CA ALA B 268 2.91 13.57 29.33
C ALA B 268 4.15 12.65 29.26
N ALA B 269 4.95 12.81 28.20
CA ALA B 269 6.16 12.01 27.99
C ALA B 269 7.09 12.17 29.16
N ILE B 270 7.25 13.43 29.59
CA ILE B 270 8.17 13.81 30.64
C ILE B 270 7.75 13.14 31.94
N TRP B 271 6.44 13.06 32.17
CA TRP B 271 5.94 12.38 33.37
C TRP B 271 6.05 10.88 33.26
N ALA B 272 5.87 10.35 32.05
CA ALA B 272 5.79 8.90 31.88
C ALA B 272 7.11 8.15 32.06
N VAL B 273 8.21 8.69 31.51
CA VAL B 273 9.50 7.96 31.47
C VAL B 273 10.03 7.64 32.86
N LYS B 274 10.97 6.69 32.97
CA LYS B 274 11.57 6.36 34.27
C LYS B 274 12.43 7.50 34.85
N PHE B 275 12.88 7.34 36.10
CA PHE B 275 13.94 8.16 36.61
C PHE B 275 15.16 8.01 35.72
N GLY B 276 15.68 9.13 35.23
CA GLY B 276 16.83 9.12 34.35
C GLY B 276 16.41 8.82 32.92
N GLY B 277 15.11 8.90 32.66
CA GLY B 277 14.60 8.64 31.32
C GLY B 277 14.93 9.73 30.34
N LYS B 278 14.74 9.45 29.06
CA LYS B 278 14.97 10.43 28.03
C LYS B 278 13.66 10.68 27.32
N VAL B 279 13.46 11.92 26.90
CA VAL B 279 12.35 12.27 26.06
C VAL B 279 12.96 12.88 24.83
N PHE B 280 12.92 12.12 23.74
CA PHE B 280 13.52 12.57 22.52
C PHE B 280 12.41 13.05 21.61
N VAL B 281 12.60 14.21 20.98
CA VAL B 281 11.50 14.96 20.34
C VAL B 281 11.79 15.17 18.88
N ILE B 282 11.09 14.43 18.03
CA ILE B 282 11.35 14.44 16.60
C ILE B 282 10.46 15.49 16.01
N GLY B 283 9.32 15.63 16.68
CA GLY B 283 8.26 16.54 16.32
C GLY B 283 8.70 17.97 16.32
N VAL B 284 7.85 18.82 15.76
CA VAL B 284 8.17 20.19 15.43
C VAL B 284 6.82 20.92 15.54
N GLY B 285 6.78 22.00 16.30
CA GLY B 285 5.49 22.65 16.61
C GLY B 285 5.59 24.14 16.83
N LYS B 286 4.93 24.62 17.88
CA LYS B 286 4.90 26.05 18.20
C LYS B 286 6.32 26.56 18.51
N ASN B 287 6.53 27.88 18.39
CA ASN B 287 7.84 28.45 18.66
C ASN B 287 8.28 28.28 20.11
N GLU B 288 7.31 28.31 21.02
CA GLU B 288 7.58 28.05 22.40
C GLU B 288 6.50 27.21 22.98
N ILE B 289 6.88 26.29 23.83
CA ILE B 289 5.91 25.46 24.49
C ILE B 289 6.19 25.56 25.98
N GLN B 290 5.37 24.88 26.75
CA GLN B 290 5.53 24.89 28.18
C GLN B 290 5.87 23.48 28.67
N ILE B 291 6.83 23.43 29.59
CA ILE B 291 7.49 22.21 30.01
C ILE B 291 7.17 21.98 31.48
N PRO B 292 6.78 20.76 31.86
CA PRO B 292 6.74 20.47 33.29
C PRO B 292 8.16 20.40 33.86
N PHE B 293 8.75 21.59 34.03
CA PHE B 293 10.08 21.81 34.59
C PHE B 293 10.39 21.01 35.86
N MET B 294 9.61 21.19 36.92
CA MET B 294 9.89 20.49 38.17
C MET B 294 9.80 18.99 38.10
N ARG B 295 8.97 18.47 37.20
CA ARG B 295 8.90 17.02 37.05
C ARG B 295 10.22 16.54 36.43
N ALA B 296 10.64 17.26 35.39
CA ALA B 296 11.82 16.92 34.62
C ALA B 296 13.01 16.94 35.56
N SER B 297 13.02 18.00 36.37
CA SER B 297 14.13 18.34 37.20
C SER B 297 14.33 17.29 38.26
N VAL B 298 13.26 16.85 38.90
CA VAL B 298 13.38 15.89 39.99
C VAL B 298 13.47 14.43 39.53
N ARG B 299 13.25 14.21 38.23
CA ARG B 299 13.30 12.87 37.66
C ARG B 299 14.52 12.69 36.76
N GLU B 300 15.36 13.74 36.72
CA GLU B 300 16.58 13.79 35.90
C GLU B 300 16.26 13.34 34.50
N VAL B 301 15.21 13.90 33.94
CA VAL B 301 14.75 13.53 32.61
C VAL B 301 15.58 14.29 31.59
N ASP B 302 16.16 13.58 30.62
CA ASP B 302 16.80 14.25 29.51
C ASP B 302 15.82 14.65 28.38
N LEU B 303 15.94 15.88 27.90
CA LEU B 303 15.11 16.37 26.82
C LEU B 303 15.93 16.60 25.57
N GLN B 304 15.70 15.80 24.53
CA GLN B 304 16.45 16.00 23.32
C GLN B 304 15.57 16.40 22.15
N PHE B 305 16.18 16.97 21.11
CA PHE B 305 15.47 17.46 19.94
C PHE B 305 16.23 17.10 18.68
N GLN B 306 15.51 16.97 17.56
CA GLN B 306 16.13 16.49 16.31
C GLN B 306 15.94 17.47 15.17
N TYR B 307 17.01 17.61 14.36
CA TYR B 307 16.97 18.44 13.16
C TYR B 307 17.57 17.65 11.99
N ARG B 308 16.70 17.02 11.21
CA ARG B 308 17.11 16.12 10.11
C ARG B 308 18.01 14.99 10.61
N TYR B 309 19.04 14.67 9.83
CA TYR B 309 19.80 13.42 10.00
C TYR B 309 21.21 13.56 9.45
N CYS B 310 22.09 12.68 9.88
CA CYS B 310 23.35 12.48 9.17
C CYS B 310 23.81 11.04 9.30
N ASN B 311 24.48 10.55 8.25
CA ASN B 311 25.10 9.18 8.23
C ASN B 311 24.10 8.08 8.51
N THR B 312 22.92 8.22 7.92
CA THR B 312 21.84 7.32 8.17
C THR B 312 21.65 6.37 6.98
N TRP B 313 21.80 6.85 5.76
CA TRP B 313 21.46 6.01 4.61
C TRP B 313 22.08 4.58 4.60
N PRO B 314 23.41 4.46 4.79
CA PRO B 314 23.93 3.10 4.63
C PRO B 314 23.26 2.08 5.56
N ARG B 315 22.88 2.54 6.74
CA ARG B 315 22.21 1.72 7.72
C ARG B 315 20.69 1.65 7.45
N ALA B 316 20.10 2.72 6.93
CA ALA B 316 18.73 2.63 6.44
C ALA B 316 18.65 1.53 5.38
N ILE B 317 19.66 1.51 4.50
CA ILE B 317 19.70 0.61 3.37
C ILE B 317 19.81 -0.84 3.84
N ARG B 318 20.72 -1.10 4.78
CA ARG B 318 20.95 -2.43 5.30
C ARG B 318 19.65 -3.00 5.84
N LEU B 319 18.98 -2.24 6.70
CA LEU B 319 17.76 -2.67 7.37
C LEU B 319 16.66 -2.97 6.38
N VAL B 320 16.66 -2.24 5.29
CA VAL B 320 15.70 -2.54 4.25
C VAL B 320 16.11 -3.79 3.48
N GLU B 321 17.34 -3.81 2.96
CA GLU B 321 17.86 -4.95 2.23
C GLU B 321 17.78 -6.29 2.98
N ASN B 322 17.92 -6.30 4.30
CA ASN B 322 17.83 -7.56 5.04
C ASN B 322 16.43 -7.72 5.64
N GLY B 323 15.49 -6.87 5.21
CA GLY B 323 14.10 -7.04 5.58
C GLY B 323 13.77 -6.83 7.04
N LEU B 324 14.56 -6.00 7.73
CA LEU B 324 14.30 -5.73 9.15
C LEU B 324 13.15 -4.75 9.32
N VAL B 325 12.96 -3.96 8.27
CA VAL B 325 11.93 -2.94 8.24
C VAL B 325 11.36 -2.94 6.83
N ASP B 326 10.02 -2.94 6.71
CA ASP B 326 9.39 -2.68 5.41
C ASP B 326 8.44 -1.50 5.43
N LEU B 327 8.85 -0.47 4.73
CA LEU B 327 8.19 0.80 4.82
C LEU B 327 7.22 1.00 3.70
N THR B 328 7.35 0.19 2.65
CA THR B 328 6.45 0.37 1.51
C THR B 328 4.97 0.15 1.88
N ARG B 329 4.71 -0.70 2.88
CA ARG B 329 3.36 -0.82 3.43
C ARG B 329 2.82 0.51 3.96
N LEU B 330 3.66 1.54 4.04
CA LEU B 330 3.20 2.84 4.55
C LEU B 330 2.67 3.75 3.47
N VAL B 331 3.04 3.45 2.23
CA VAL B 331 2.62 4.23 1.09
C VAL B 331 1.19 3.85 0.78
N THR B 332 0.26 4.71 1.17
CA THR B 332 -1.15 4.41 1.05
C THR B 332 -1.66 4.86 -0.30
N HIS B 333 -0.96 5.80 -0.93
CA HIS B 333 -1.46 6.41 -2.15
C HIS B 333 -0.32 6.68 -3.09
N ARG B 334 -0.45 6.29 -4.35
CA ARG B 334 0.50 6.67 -5.37
C ARG B 334 -0.25 7.44 -6.44
N PHE B 335 0.50 8.27 -7.17
CA PHE B 335 0.00 9.30 -8.06
C PHE B 335 1.13 9.63 -9.03
N PRO B 336 0.79 9.83 -10.32
CA PRO B 336 1.81 10.32 -11.27
C PRO B 336 2.10 11.81 -11.09
N LEU B 337 3.23 12.25 -11.64
CA LEU B 337 3.74 13.61 -11.47
C LEU B 337 2.76 14.65 -12.03
N GLU B 338 2.17 14.33 -13.18
CA GLU B 338 1.06 15.08 -13.78
C GLU B 338 -0.09 15.35 -12.80
N ASP B 339 -0.32 14.42 -11.87
CA ASP B 339 -1.44 14.47 -10.92
C ASP B 339 -0.98 14.96 -9.55
N ALA B 340 0.25 15.46 -9.47
CA ALA B 340 0.82 16.00 -8.23
C ALA B 340 -0.18 16.80 -7.38
N LEU B 341 -1.07 17.54 -8.03
CA LEU B 341 -2.05 18.35 -7.31
C LEU B 341 -3.02 17.52 -6.45
N LYS B 342 -3.56 16.43 -7.02
CA LYS B 342 -4.44 15.51 -6.26
C LYS B 342 -3.67 14.92 -5.09
N ALA B 343 -2.40 14.60 -5.34
CA ALA B 343 -1.51 14.03 -4.33
C ALA B 343 -1.42 14.94 -3.10
N PHE B 344 -1.15 16.21 -3.33
CA PHE B 344 -1.08 17.15 -2.21
C PHE B 344 -2.40 17.35 -1.48
N GLU B 345 -3.50 17.35 -2.23
CA GLU B 345 -4.81 17.51 -1.63
C GLU B 345 -5.06 16.36 -0.69
N THR B 346 -4.77 15.14 -1.17
CA THR B 346 -5.07 13.92 -0.40
C THR B 346 -4.10 13.70 0.75
N ALA B 347 -2.88 14.22 0.60
CA ALA B 347 -1.93 14.33 1.70
C ALA B 347 -2.46 15.23 2.84
N SER B 348 -2.90 16.45 2.50
CA SER B 348 -3.42 17.38 3.52
C SER B 348 -4.75 16.94 4.16
N ASP B 349 -5.65 16.40 3.36
CA ASP B 349 -6.97 15.99 3.86
C ASP B 349 -6.82 14.86 4.87
N PRO B 350 -7.18 15.11 6.13
CA PRO B 350 -7.04 14.07 7.16
C PRO B 350 -8.15 13.00 7.11
N LYS B 351 -9.20 13.27 6.34
CA LYS B 351 -10.29 12.29 6.14
C LYS B 351 -9.97 11.26 5.04
N THR B 352 -8.94 11.57 4.26
CA THR B 352 -8.39 10.67 3.27
C THR B 352 -7.91 9.32 3.82
N GLY B 353 -7.38 9.31 5.04
CA GLY B 353 -6.82 8.09 5.61
C GLY B 353 -5.46 7.79 5.00
N ALA B 354 -4.81 8.82 4.48
CA ALA B 354 -3.49 8.68 3.89
C ALA B 354 -2.48 8.51 5.02
N ILE B 355 -1.40 7.78 4.74
CA ILE B 355 -0.24 7.75 5.61
C ILE B 355 0.86 8.47 4.85
N LYS B 356 1.55 7.78 3.96
CA LYS B 356 2.50 8.44 3.11
C LYS B 356 2.01 8.38 1.67
N VAL B 357 2.01 9.53 1.00
CA VAL B 357 1.59 9.61 -0.39
C VAL B 357 2.84 9.81 -1.25
N GLN B 358 2.94 9.11 -2.37
CA GLN B 358 4.11 9.27 -3.25
C GLN B 358 3.74 9.69 -4.65
N ILE B 359 4.65 10.41 -5.29
CA ILE B 359 4.45 10.92 -6.61
C ILE B 359 5.52 10.31 -7.47
N GLN B 360 5.13 9.80 -8.65
CA GLN B 360 6.01 8.93 -9.42
C GLN B 360 6.24 9.37 -10.88
N SER B 361 7.11 8.65 -11.58
CA SER B 361 7.59 9.05 -12.88
C SER B 361 8.39 7.90 -13.48
N LEU B 362 7.71 6.77 -13.78
CA LEU B 362 8.38 5.46 -13.98
C LEU B 362 8.75 5.10 -15.41
ZN ZN C . -12.77 -10.27 -9.49
ZN ZN D . -30.34 -21.31 -7.16
PA NAD E . -3.96 -9.36 -13.70
O1A NAD E . -3.84 -9.08 -15.17
O2A NAD E . -3.64 -8.28 -12.69
O5B NAD E . -3.01 -10.63 -13.50
C5B NAD E . -2.67 -11.38 -14.65
C4B NAD E . -1.18 -11.60 -14.56
O4B NAD E . -0.84 -12.62 -15.50
C3B NAD E . -0.37 -10.37 -14.94
O3B NAD E . 0.52 -10.05 -13.88
C2B NAD E . 0.39 -10.81 -16.17
O2B NAD E . 1.68 -10.21 -16.23
C1B NAD E . 0.46 -12.30 -15.97
N9A NAD E . 0.71 -13.08 -17.19
C8A NAD E . 0.28 -12.81 -18.42
N7A NAD E . 0.76 -13.75 -19.25
C5A NAD E . 1.49 -14.63 -18.52
C6A NAD E . 2.20 -15.79 -18.83
N6A NAD E . 2.26 -16.25 -20.11
N1A NAD E . 2.83 -16.44 -17.83
C2A NAD E . 2.78 -15.99 -16.57
N3A NAD E . 2.10 -14.88 -16.24
C4A NAD E . 1.46 -14.19 -17.20
O3 NAD E . -5.40 -9.95 -13.35
PN NAD E . -5.80 -10.46 -11.89
O1N NAD E . -4.58 -10.89 -11.12
O2N NAD E . -6.77 -9.49 -11.24
O5D NAD E . -6.65 -11.78 -12.28
C5D NAD E . -6.13 -12.86 -13.07
C4D NAD E . -7.27 -13.64 -13.74
O4D NAD E . -8.14 -14.22 -12.79
C3D NAD E . -8.12 -12.72 -14.62
O3D NAD E . -8.25 -13.32 -15.92
C2D NAD E . -9.43 -12.60 -13.85
O2D NAD E . -10.57 -12.36 -14.69
C1D NAD E . -9.48 -13.96 -13.17
N1N NAD E . -10.33 -14.03 -12.00
C2N NAD E . -11.22 -15.03 -12.03
C3N NAD E . -12.12 -15.26 -11.00
C7N NAD E . -13.03 -16.46 -11.16
O7N NAD E . -14.04 -16.58 -10.47
N7N NAD E . -12.65 -17.42 -12.03
C4N NAD E . -12.11 -14.41 -9.89
C5N NAD E . -11.15 -13.38 -9.86
C6N NAD E . -10.26 -13.19 -10.94
ZN ZN F . 10.60 14.69 5.39
ZN ZN G . 29.38 22.57 6.53
PA NAD H . 1.64 13.66 11.10
O1A NAD H . 0.97 15.02 11.14
O2A NAD H . 1.05 12.59 10.20
O5B NAD H . 1.75 13.11 12.60
C5B NAD H . 0.95 13.69 13.59
C4B NAD H . 0.20 12.59 14.28
O4B NAD H . 0.27 12.88 15.67
C3B NAD H . -1.28 12.58 13.90
O3B NAD H . -1.68 11.25 13.54
C2B NAD H . -2.03 13.01 15.15
O2B NAD H . -3.21 12.24 15.38
C1B NAD H . -1.02 12.75 16.25
N9A NAD H . -1.24 13.62 17.43
C8A NAD H . -1.64 14.91 17.47
N7A NAD H . -1.74 15.29 18.78
C5A NAD H . -1.41 14.23 19.56
C6A NAD H . -1.31 14.00 20.94
N6A NAD H . -1.59 14.96 21.84
N1A NAD H . -0.92 12.78 21.39
C2A NAD H . -0.63 11.78 20.53
N3A NAD H . -0.72 11.98 19.20
C4A NAD H . -1.10 13.18 18.70
O3 NAD H . 3.14 13.94 10.60
PN NAD H . 4.40 12.93 10.57
O1N NAD H . 4.11 11.70 11.42
O2N NAD H . 4.87 12.79 9.14
O5D NAD H . 5.47 13.84 11.37
C5D NAD H . 5.26 14.14 12.77
C4D NAD H . 6.13 15.33 13.20
O4D NAD H . 7.52 15.04 13.00
C3D NAD H . 5.83 16.57 12.37
O3D NAD H . 5.88 17.73 13.20
C2D NAD H . 6.96 16.65 11.41
O2D NAD H . 7.22 18.00 11.10
C1D NAD H . 8.09 16.13 12.25
N1N NAD H . 9.25 15.78 11.46
C2N NAD H . 10.43 16.21 11.91
C3N NAD H . 11.62 15.94 11.23
C7N NAD H . 12.93 16.43 11.81
O7N NAD H . 13.91 16.56 11.10
N7N NAD H . 12.98 16.69 13.12
C4N NAD H . 11.56 15.23 10.05
C5N NAD H . 10.33 14.79 9.58
C6N NAD H . 9.17 15.07 10.32
#